data_6E4R
#
_entry.id   6E4R
#
_cell.length_a   113.913
_cell.length_b   48.440
_cell.length_c   232.037
_cell.angle_alpha   90.000
_cell.angle_beta   91.400
_cell.angle_gamma   90.000
#
_symmetry.space_group_name_H-M   'I 1 2 1'
#
loop_
_entity.id
_entity.type
_entity.pdbx_description
1 polymer 'polypeptide N-acetylgalactosaminyltransferase 9'
2 non-polymer 2-acetamido-2-deoxy-beta-D-glucopyranose
3 non-polymer 1,2-ETHANEDIOL
4 non-polymer GLYCEROL
5 non-polymer 'TRIETHYLENE GLYCOL'
6 water water
#
_entity_poly.entity_id   1
_entity_poly.type   'polypeptide(L)'
_entity_poly.pdbx_seq_one_letter_code
;GGGGGPGELGKPVRLPKEMSDEMKKAVDDGWTKNAFNQYVSDLISVHRTLPDPRDAWCKDEARYLTNLPKTDVIICFHNE
AWTVLLRTVHSVLDRSPEHLIGKIILVDDYSDMPHLKRQLEDYFAAYPKVQIIRGQKREGLIRARILGANHAKSPVLTYL
DSHCECTEGWLEPLLDRIARNSTTVVCPVIDVISDETLEYHYRDSGGVNVGGFDWNLQFSWHPVPERERKRHNSTAEPVY
SPTMAGGLFSIDREFFDRLGTYDSGFDIWGGENLELSFKTWMCGGTLEIVPCSHVGHIFRKRSPYKWRSGVNVLKKNSVR
LAEVWMDEYSQYYYHRIGNDKGDWGDVSDRRKLRNDLKCKSFKWYLDNIYPELFIPGDSVAHGEIANVPNGMCLDAKEKS
EEETPVSIYECHGQGGNQYWMLSKAGEIRRDDSCLDYAGKDVTLFGCHGGKGNQFWTYRENTKQLHHGTSGKCLAISESK
DKLLMEECSASLSRQQWTLENYDSSKL
;
_entity_poly.pdbx_strand_id   A,B
#
loop_
_chem_comp.id
_chem_comp.type
_chem_comp.name
_chem_comp.formula
EDO non-polymer 1,2-ETHANEDIOL 'C2 H6 O2'
GOL non-polymer GLYCEROL 'C3 H8 O3'
NAG D-saccharide, beta linking 2-acetamido-2-deoxy-beta-D-glucopyranose 'C8 H15 N O6'
PGE non-polymer 'TRIETHYLENE GLYCOL' 'C6 H14 O4'
#
# COMPACT_ATOMS: atom_id res chain seq x y z
N GLY A 3 0.75 -24.71 -8.41
CA GLY A 3 -0.13 -23.56 -8.44
C GLY A 3 0.33 -22.45 -7.51
N GLY A 4 1.61 -22.10 -7.64
CA GLY A 4 2.23 -21.12 -6.76
C GLY A 4 2.03 -19.67 -7.12
N GLY A 5 1.35 -19.37 -8.23
CA GLY A 5 1.12 -17.99 -8.62
C GLY A 5 2.34 -17.36 -9.26
N PRO A 6 2.26 -16.05 -9.54
CA PRO A 6 3.38 -15.38 -10.21
C PRO A 6 4.67 -15.55 -9.42
N GLY A 7 5.77 -15.77 -10.15
CA GLY A 7 7.06 -15.83 -9.48
C GLY A 7 7.33 -17.11 -8.72
N GLU A 8 6.48 -18.14 -8.85
CA GLU A 8 6.73 -19.40 -8.17
C GLU A 8 8.01 -20.05 -8.72
N LEU A 9 8.71 -20.79 -7.86
CA LEU A 9 10.01 -21.38 -8.19
C LEU A 9 11.00 -20.30 -8.64
N GLY A 10 10.78 -19.08 -8.19
CA GLY A 10 11.70 -17.99 -8.49
C GLY A 10 11.69 -17.53 -9.93
N LYS A 11 10.68 -17.90 -10.71
CA LYS A 11 10.65 -17.47 -12.11
C LYS A 11 10.31 -15.98 -12.21
N PRO A 12 10.77 -15.31 -13.27
CA PRO A 12 10.54 -13.87 -13.38
C PRO A 12 9.06 -13.54 -13.59
N VAL A 13 8.67 -12.38 -13.08
CA VAL A 13 7.36 -11.80 -13.34
C VAL A 13 7.59 -10.55 -14.17
N ARG A 14 6.96 -10.47 -15.33
CA ARG A 14 7.13 -9.33 -16.22
C ARG A 14 5.78 -8.68 -16.44
N LEU A 15 5.72 -7.38 -16.26
CA LEU A 15 4.48 -6.64 -16.52
C LEU A 15 4.31 -6.45 -18.03
N PRO A 16 3.07 -6.22 -18.46
CA PRO A 16 2.85 -5.96 -19.90
C PRO A 16 3.46 -4.64 -20.35
N LYS A 17 3.76 -4.58 -21.66
CA LYS A 17 4.31 -3.38 -22.26
C LYS A 17 3.33 -2.21 -22.16
N GLU A 18 2.04 -2.48 -22.37
CA GLU A 18 0.99 -1.47 -22.27
C GLU A 18 0.30 -1.55 -20.91
N MET A 19 0.21 -0.41 -20.23
CA MET A 19 -0.43 -0.34 -18.93
C MET A 19 -1.35 0.87 -18.88
N SER A 20 -2.45 0.74 -18.14
CA SER A 20 -3.28 1.89 -17.88
C SER A 20 -2.48 2.94 -17.12
N ASP A 21 -2.97 4.18 -17.17
CA ASP A 21 -2.28 5.25 -16.44
C ASP A 21 -2.27 5.00 -14.95
N GLU A 22 -3.33 4.40 -14.41
CA GLU A 22 -3.36 4.09 -12.99
C GLU A 22 -2.31 3.03 -12.64
N MET A 23 -2.15 2.02 -13.49
CA MET A 23 -1.13 1.00 -13.23
C MET A 23 0.26 1.60 -13.33
N LYS A 24 0.49 2.45 -14.33
CA LYS A 24 1.77 3.12 -14.48
C LYS A 24 2.12 3.95 -13.25
N LYS A 25 1.16 4.69 -12.71
CA LYS A 25 1.41 5.42 -11.47
C LYS A 25 1.77 4.45 -10.33
N ALA A 26 1.09 3.30 -10.26
CA ALA A 26 1.39 2.35 -9.18
C ALA A 26 2.80 1.79 -9.34
N VAL A 27 3.20 1.44 -10.58
CA VAL A 27 4.53 0.91 -10.78
C VAL A 27 5.59 1.96 -10.45
N ASP A 28 5.40 3.18 -10.95
CA ASP A 28 6.36 4.25 -10.68
C ASP A 28 6.48 4.54 -9.19
N ASP A 29 5.35 4.60 -8.49
CA ASP A 29 5.34 4.79 -7.04
C ASP A 29 6.14 3.71 -6.35
N GLY A 30 6.02 2.47 -6.83
CA GLY A 30 6.77 1.39 -6.22
C GLY A 30 8.26 1.62 -6.30
N TRP A 31 8.73 2.06 -7.46
CA TRP A 31 10.15 2.32 -7.64
C TRP A 31 10.62 3.49 -6.79
N THR A 32 9.83 4.56 -6.74
CA THR A 32 10.20 5.74 -5.95
C THR A 32 10.41 5.36 -4.49
N LYS A 33 9.49 4.57 -3.93
CA LYS A 33 9.58 4.23 -2.51
C LYS A 33 10.69 3.23 -2.22
N ASN A 34 10.96 2.30 -3.12
CA ASN A 34 11.77 1.16 -2.73
C ASN A 34 13.04 0.99 -3.54
N ALA A 35 13.15 1.63 -4.70
CA ALA A 35 14.24 1.33 -5.63
C ALA A 35 14.21 -0.15 -6.04
N PHE A 36 13.03 -0.75 -6.04
CA PHE A 36 12.79 -2.01 -6.73
C PHE A 36 11.33 -2.02 -7.15
N ASN A 37 10.94 -3.03 -7.94
CA ASN A 37 9.61 -3.03 -8.54
C ASN A 37 8.62 -3.60 -7.52
N GLN A 38 8.09 -2.71 -6.66
CA GLN A 38 7.17 -3.16 -5.61
C GLN A 38 5.90 -3.74 -6.21
N TYR A 39 5.44 -3.18 -7.34
CA TYR A 39 4.23 -3.68 -7.95
C TYR A 39 4.33 -5.18 -8.24
N VAL A 40 5.46 -5.64 -8.80
CA VAL A 40 5.51 -7.07 -9.08
C VAL A 40 5.68 -7.87 -7.80
N SER A 41 6.42 -7.35 -6.81
CA SER A 41 6.47 -8.05 -5.52
C SER A 41 5.07 -8.26 -4.97
N ASP A 42 4.20 -7.26 -5.13
CA ASP A 42 2.86 -7.36 -4.58
C ASP A 42 2.04 -8.45 -5.28
N LEU A 43 2.41 -8.84 -6.50
CA LEU A 43 1.72 -9.92 -7.20
C LEU A 43 2.22 -11.29 -6.80
N ILE A 44 3.33 -11.38 -6.11
CA ILE A 44 4.03 -12.62 -5.83
C ILE A 44 3.72 -13.07 -4.40
N SER A 45 3.39 -14.34 -4.22
CA SER A 45 3.05 -14.83 -2.89
C SER A 45 4.14 -14.49 -1.87
N VAL A 46 3.72 -14.09 -0.67
CA VAL A 46 4.69 -13.95 0.42
C VAL A 46 5.20 -15.30 0.91
N HIS A 47 4.62 -16.43 0.44
CA HIS A 47 5.15 -17.77 0.65
C HIS A 47 5.74 -18.32 -0.64
N ARG A 48 6.20 -17.44 -1.53
CA ARG A 48 6.75 -17.81 -2.83
C ARG A 48 7.74 -18.97 -2.71
N THR A 49 7.45 -20.07 -3.43
CA THR A 49 8.36 -21.20 -3.46
C THR A 49 9.59 -20.89 -4.31
N LEU A 50 10.72 -21.49 -3.92
CA LEU A 50 11.98 -21.33 -4.62
C LEU A 50 12.59 -22.70 -4.91
N PRO A 51 13.38 -22.82 -5.97
CA PRO A 51 14.10 -24.08 -6.18
C PRO A 51 15.11 -24.31 -5.05
N ASP A 52 15.40 -25.57 -4.79
CA ASP A 52 16.46 -25.91 -3.84
C ASP A 52 17.81 -25.61 -4.48
N PRO A 53 18.56 -24.61 -4.01
CA PRO A 53 19.78 -24.19 -4.70
C PRO A 53 21.05 -24.96 -4.35
N ARG A 54 20.97 -25.95 -3.45
CA ARG A 54 22.16 -26.53 -2.85
C ARG A 54 22.83 -27.54 -3.78
N ASP A 55 24.16 -27.63 -3.69
CA ASP A 55 24.90 -28.68 -4.38
C ASP A 55 24.53 -30.05 -3.82
N ALA A 56 24.72 -31.08 -4.65
CA ALA A 56 24.46 -32.45 -4.21
C ALA A 56 25.26 -32.79 -2.96
N TRP A 57 26.49 -32.30 -2.87
CA TRP A 57 27.28 -32.52 -1.67
C TRP A 57 26.54 -32.05 -0.42
N CYS A 58 25.83 -30.93 -0.53
CA CYS A 58 25.11 -30.35 0.59
C CYS A 58 23.99 -31.23 1.09
N LYS A 59 23.44 -32.07 0.23
CA LYS A 59 22.34 -32.96 0.57
C LYS A 59 22.81 -34.38 0.87
N ASP A 60 23.79 -34.87 0.11
CA ASP A 60 24.18 -36.27 0.12
C ASP A 60 25.39 -36.58 0.99
N GLU A 61 26.30 -35.61 1.18
CA GLU A 61 27.53 -35.87 1.91
C GLU A 61 27.69 -35.04 3.17
N ALA A 62 27.18 -33.80 3.20
CA ALA A 62 27.26 -33.00 4.41
C ALA A 62 26.44 -33.62 5.53
N ARG A 63 27.04 -33.73 6.71
CA ARG A 63 26.34 -34.19 7.91
C ARG A 63 26.60 -33.19 9.02
N TYR A 64 25.52 -32.75 9.66
CA TYR A 64 25.56 -31.72 10.67
C TYR A 64 25.33 -32.33 12.04
N LEU A 65 25.83 -31.64 13.06
CA LEU A 65 25.64 -32.08 14.44
C LEU A 65 24.15 -32.24 14.75
N THR A 66 23.83 -33.23 15.58
CA THR A 66 22.44 -33.57 15.84
CA THR A 66 22.43 -33.56 15.83
C THR A 66 21.71 -32.44 16.56
N ASN A 67 22.35 -31.83 17.55
CA ASN A 67 21.68 -30.83 18.40
C ASN A 67 22.31 -29.46 18.14
N LEU A 68 21.69 -28.70 17.30
CA LEU A 68 22.16 -27.37 16.96
C LEU A 68 21.59 -26.34 17.94
N PRO A 69 22.33 -25.27 18.20
CA PRO A 69 21.80 -24.18 19.04
C PRO A 69 20.73 -23.38 18.32
N LYS A 70 19.70 -22.97 19.07
CA LYS A 70 18.67 -22.08 18.54
C LYS A 70 19.25 -20.72 18.20
N THR A 71 18.67 -20.09 17.17
CA THR A 71 19.05 -18.74 16.82
C THR A 71 17.84 -17.83 16.91
N ASP A 72 18.09 -16.58 17.30
CA ASP A 72 17.14 -15.52 17.00
C ASP A 72 17.49 -14.97 15.63
N VAL A 73 16.48 -14.49 14.93
CA VAL A 73 16.67 -13.86 13.62
C VAL A 73 16.26 -12.40 13.75
N ILE A 74 17.21 -11.48 13.55
CA ILE A 74 16.94 -10.07 13.74
C ILE A 74 16.88 -9.42 12.37
N ILE A 75 15.75 -8.75 12.09
CA ILE A 75 15.49 -8.09 10.81
C ILE A 75 15.15 -6.64 11.11
N CYS A 76 16.03 -5.72 10.70
CA CYS A 76 15.81 -4.29 10.90
C CYS A 76 15.22 -3.70 9.62
N PHE A 77 14.32 -2.72 9.77
CA PHE A 77 13.72 -2.13 8.59
C PHE A 77 13.37 -0.69 8.83
N HIS A 78 13.27 0.05 7.72
CA HIS A 78 12.73 1.40 7.71
C HIS A 78 11.91 1.56 6.44
N ASN A 79 10.58 1.62 6.60
CA ASN A 79 9.66 1.83 5.46
C ASN A 79 9.83 0.76 4.37
N GLU A 80 10.10 -0.48 4.78
CA GLU A 80 10.08 -1.59 3.84
C GLU A 80 8.67 -1.83 3.32
N ALA A 81 8.58 -2.33 2.08
CA ALA A 81 7.30 -2.66 1.48
C ALA A 81 6.66 -3.86 2.16
N TRP A 82 5.33 -3.84 2.26
CA TRP A 82 4.58 -4.86 2.98
C TRP A 82 4.93 -6.27 2.49
N THR A 83 4.81 -6.53 1.19
CA THR A 83 4.98 -7.92 0.72
C THR A 83 6.43 -8.36 0.84
N VAL A 84 7.37 -7.43 0.74
CA VAL A 84 8.77 -7.80 0.80
C VAL A 84 9.17 -8.14 2.24
N LEU A 85 8.76 -7.32 3.21
CA LEU A 85 9.04 -7.66 4.60
C LEU A 85 8.36 -8.97 5.01
N LEU A 86 7.08 -9.14 4.62
CA LEU A 86 6.40 -10.40 4.95
C LEU A 86 7.09 -11.60 4.30
N ARG A 87 7.52 -11.46 3.04
CA ARG A 87 8.16 -12.59 2.36
C ARG A 87 9.45 -12.99 3.07
N THR A 88 10.21 -12.01 3.55
CA THR A 88 11.39 -12.34 4.35
C THR A 88 11.02 -13.18 5.56
N VAL A 89 10.06 -12.69 6.34
CA VAL A 89 9.74 -13.35 7.60
C VAL A 89 9.18 -14.74 7.33
N HIS A 90 8.29 -14.87 6.34
CA HIS A 90 7.75 -16.20 6.06
C HIS A 90 8.81 -17.13 5.53
N SER A 91 9.78 -16.62 4.75
CA SER A 91 10.82 -17.53 4.27
C SER A 91 11.61 -18.09 5.45
N VAL A 92 11.79 -17.29 6.51
CA VAL A 92 12.43 -17.79 7.72
C VAL A 92 11.56 -18.86 8.38
N LEU A 93 10.27 -18.56 8.56
CA LEU A 93 9.39 -19.51 9.25
C LEU A 93 9.23 -20.80 8.48
N ASP A 94 9.07 -20.70 7.15
CA ASP A 94 8.72 -21.87 6.35
C ASP A 94 9.90 -22.79 6.08
N ARG A 95 11.12 -22.26 6.02
CA ARG A 95 12.28 -23.03 5.60
C ARG A 95 13.25 -23.33 6.74
N SER A 96 12.98 -22.88 7.94
CA SER A 96 13.83 -23.24 9.05
C SER A 96 13.11 -24.23 9.95
N PRO A 97 13.79 -25.28 10.43
CA PRO A 97 13.17 -26.17 11.41
C PRO A 97 12.71 -25.40 12.64
N GLU A 98 11.49 -25.70 13.08
CA GLU A 98 10.86 -24.94 14.16
C GLU A 98 11.73 -24.92 15.42
N HIS A 99 12.32 -26.05 15.77
CA HIS A 99 13.13 -26.12 17.00
C HIS A 99 14.44 -25.34 16.92
N LEU A 100 14.80 -24.79 15.77
CA LEU A 100 16.02 -24.00 15.66
C LEU A 100 15.77 -22.49 15.66
N ILE A 101 14.52 -22.04 15.72
CA ILE A 101 14.17 -20.61 15.74
C ILE A 101 13.72 -20.25 17.15
N GLY A 102 14.39 -19.30 17.77
CA GLY A 102 13.91 -18.73 19.01
C GLY A 102 12.85 -17.69 18.71
N LYS A 103 13.28 -16.46 18.47
CA LYS A 103 12.40 -15.37 18.11
C LYS A 103 12.84 -14.76 16.79
N ILE A 104 11.86 -14.31 16.02
CA ILE A 104 12.12 -13.44 14.88
C ILE A 104 11.83 -12.03 15.36
N ILE A 105 12.89 -11.23 15.49
CA ILE A 105 12.81 -9.91 16.08
C ILE A 105 12.82 -8.90 14.96
N LEU A 106 11.67 -8.25 14.72
CA LEU A 106 11.56 -7.20 13.70
C LEU A 106 11.84 -5.86 14.36
N VAL A 107 12.92 -5.21 13.98
CA VAL A 107 13.33 -3.96 14.61
C VAL A 107 12.96 -2.83 13.67
N ASP A 108 11.94 -2.09 14.06
CA ASP A 108 11.44 -0.95 13.28
C ASP A 108 12.28 0.28 13.58
N ASP A 109 13.13 0.66 12.62
CA ASP A 109 13.95 1.86 12.78
C ASP A 109 13.15 3.11 12.39
N TYR A 110 12.07 3.35 13.15
CA TYR A 110 11.29 4.58 13.10
C TYR A 110 10.62 4.79 11.74
N SER A 111 9.95 3.74 11.24
CA SER A 111 9.18 3.87 10.01
C SER A 111 7.98 4.80 10.22
N ASP A 112 7.54 5.42 9.13
CA ASP A 112 6.34 6.22 9.18
C ASP A 112 5.23 5.70 8.28
N MET A 113 5.48 4.69 7.45
CA MET A 113 4.42 4.22 6.55
C MET A 113 3.37 3.42 7.32
N PRO A 114 2.07 3.68 7.10
CA PRO A 114 1.04 3.06 7.96
C PRO A 114 1.04 1.54 7.97
N HIS A 115 1.36 0.89 6.85
CA HIS A 115 1.27 -0.58 6.85
C HIS A 115 2.25 -1.24 7.81
N LEU A 116 3.24 -0.49 8.31
CA LEU A 116 4.20 -1.06 9.25
C LEU A 116 3.81 -0.83 10.70
N LYS A 117 2.64 -0.23 10.96
CA LYS A 117 2.28 0.04 12.35
C LYS A 117 1.30 -1.01 12.89
N ARG A 118 0.07 -0.62 13.19
CA ARG A 118 -0.91 -1.58 13.72
C ARG A 118 -1.13 -2.73 12.74
N GLN A 119 -1.15 -2.45 11.44
CA GLN A 119 -1.37 -3.50 10.45
C GLN A 119 -0.34 -4.63 10.61
N LEU A 120 0.93 -4.27 10.81
CA LEU A 120 1.99 -5.25 11.01
C LEU A 120 1.84 -6.00 12.33
N GLU A 121 1.44 -5.31 13.40
CA GLU A 121 1.21 -5.97 14.68
C GLU A 121 0.07 -6.97 14.57
N ASP A 122 -1.06 -6.56 13.99
CA ASP A 122 -2.19 -7.48 13.85
C ASP A 122 -1.82 -8.70 13.02
N TYR A 123 -1.10 -8.50 11.92
CA TYR A 123 -0.80 -9.60 11.02
C TYR A 123 0.01 -10.69 11.73
N PHE A 124 1.05 -10.31 12.45
CA PHE A 124 1.93 -11.28 13.11
C PHE A 124 1.44 -11.66 14.51
N ALA A 125 0.25 -11.20 14.91
CA ALA A 125 -0.26 -11.54 16.23
C ALA A 125 -0.41 -13.05 16.41
N ALA A 126 -0.76 -13.76 15.35
CA ALA A 126 -0.93 -15.21 15.38
C ALA A 126 0.37 -15.99 15.28
N TYR A 127 1.53 -15.31 15.12
CA TYR A 127 2.84 -15.95 15.06
C TYR A 127 3.58 -15.60 16.36
N PRO A 128 3.49 -16.44 17.39
CA PRO A 128 4.07 -16.06 18.70
C PRO A 128 5.57 -15.90 18.67
N LYS A 129 6.27 -16.46 17.68
CA LYS A 129 7.71 -16.28 17.60
C LYS A 129 8.12 -14.92 17.05
N VAL A 130 7.20 -14.14 16.48
CA VAL A 130 7.55 -12.84 15.91
C VAL A 130 7.39 -11.76 16.98
N GLN A 131 8.45 -10.97 17.17
CA GLN A 131 8.48 -9.88 18.14
C GLN A 131 8.80 -8.58 17.39
N ILE A 132 8.00 -7.54 17.63
CA ILE A 132 8.20 -6.25 16.99
C ILE A 132 8.77 -5.29 18.03
N ILE A 133 9.91 -4.69 17.71
CA ILE A 133 10.57 -3.68 18.54
C ILE A 133 10.52 -2.35 17.80
N ARG A 134 10.06 -1.31 18.47
CA ARG A 134 9.94 0.01 17.87
C ARG A 134 11.07 0.91 18.38
N GLY A 135 11.92 1.36 17.47
CA GLY A 135 12.86 2.40 17.83
C GLY A 135 12.13 3.71 18.10
N GLN A 136 12.63 4.47 19.07
CA GLN A 136 12.00 5.71 19.49
C GLN A 136 12.40 6.91 18.64
N LYS A 137 13.43 6.77 17.82
CA LYS A 137 13.80 7.78 16.83
C LYS A 137 14.59 7.05 15.77
N ARG A 138 14.81 7.72 14.64
CA ARG A 138 15.55 7.08 13.55
C ARG A 138 17.02 6.97 13.93
N GLU A 139 17.57 5.74 13.94
CA GLU A 139 18.93 5.54 14.45
C GLU A 139 19.90 4.87 13.50
N GLY A 140 19.44 4.24 12.42
CA GLY A 140 20.34 3.56 11.51
C GLY A 140 20.56 2.09 11.86
N LEU A 141 21.23 1.39 10.95
CA LEU A 141 21.31 -0.07 11.02
C LEU A 141 22.07 -0.56 12.24
N ILE A 142 23.22 0.07 12.56
CA ILE A 142 24.02 -0.40 13.69
C ILE A 142 23.21 -0.38 14.97
N ARG A 143 22.58 0.75 15.26
CA ARG A 143 21.85 0.87 16.53
C ARG A 143 20.64 -0.05 16.56
N ALA A 144 19.98 -0.22 15.41
CA ALA A 144 18.83 -1.12 15.35
C ALA A 144 19.26 -2.55 15.60
N ARG A 145 20.42 -2.92 15.06
CA ARG A 145 20.90 -4.29 15.27
C ARG A 145 21.32 -4.54 16.70
N ILE A 146 21.88 -3.51 17.37
CA ILE A 146 22.26 -3.66 18.78
C ILE A 146 21.02 -3.71 19.65
N LEU A 147 20.02 -2.89 19.32
CA LEU A 147 18.73 -2.99 19.99
C LEU A 147 18.14 -4.39 19.85
N GLY A 148 18.20 -4.95 18.63
CA GLY A 148 17.72 -6.31 18.44
C GLY A 148 18.49 -7.31 19.28
N ALA A 149 19.82 -7.20 19.27
CA ALA A 149 20.65 -8.12 20.04
C ALA A 149 20.32 -8.07 21.52
N ASN A 150 20.02 -6.87 22.06
CA ASN A 150 19.71 -6.75 23.48
C ASN A 150 18.37 -7.40 23.84
N HIS A 151 17.47 -7.55 22.88
CA HIS A 151 16.18 -8.21 23.08
CA HIS A 151 16.22 -8.23 23.17
C HIS A 151 16.29 -9.73 22.92
N ALA A 152 17.39 -10.21 22.36
CA ALA A 152 17.53 -11.59 21.96
C ALA A 152 18.01 -12.44 23.12
N LYS A 153 17.46 -13.65 23.24
CA LYS A 153 17.83 -14.56 24.32
C LYS A 153 18.40 -15.88 23.87
N SER A 154 18.35 -16.20 22.57
CA SER A 154 18.87 -17.47 22.08
C SER A 154 20.40 -17.46 22.03
N PRO A 155 21.03 -18.64 21.96
CA PRO A 155 22.51 -18.67 21.96
C PRO A 155 23.13 -18.11 20.70
N VAL A 156 22.40 -18.04 19.58
CA VAL A 156 22.93 -17.56 18.31
C VAL A 156 22.06 -16.41 17.79
N LEU A 157 22.70 -15.41 17.19
CA LEU A 157 22.00 -14.33 16.51
C LEU A 157 22.18 -14.54 15.02
N THR A 158 21.10 -14.42 14.26
CA THR A 158 21.18 -14.42 12.81
C THR A 158 20.63 -13.08 12.31
N TYR A 159 21.47 -12.33 11.61
CA TYR A 159 21.04 -11.07 11.02
C TYR A 159 20.70 -11.28 9.56
N LEU A 160 19.54 -10.81 9.16
CA LEU A 160 19.11 -10.76 7.77
C LEU A 160 18.69 -9.32 7.49
N ASP A 161 18.55 -8.93 6.23
CA ASP A 161 17.85 -7.67 6.04
C ASP A 161 16.42 -7.94 5.57
N SER A 162 15.66 -6.86 5.37
CA SER A 162 14.22 -6.95 5.23
C SER A 162 13.77 -7.31 3.82
N HIS A 163 14.69 -7.53 2.88
CA HIS A 163 14.34 -7.95 1.53
C HIS A 163 15.19 -9.16 1.15
N CYS A 164 15.04 -10.20 1.94
CA CYS A 164 15.70 -11.50 1.76
C CYS A 164 14.66 -12.58 1.59
N GLU A 165 15.09 -13.71 1.03
CA GLU A 165 14.30 -14.93 0.99
C GLU A 165 15.24 -16.10 1.32
N CYS A 166 15.05 -16.70 2.50
CA CYS A 166 15.77 -17.94 2.83
C CYS A 166 15.38 -19.07 1.88
N THR A 167 16.32 -20.00 1.66
CA THR A 167 16.11 -21.13 0.76
C THR A 167 16.11 -22.44 1.54
N GLU A 168 15.83 -23.52 0.83
CA GLU A 168 15.79 -24.85 1.41
C GLU A 168 17.11 -25.19 2.10
N GLY A 169 17.03 -25.60 3.35
CA GLY A 169 18.21 -26.04 4.07
C GLY A 169 19.22 -24.96 4.36
N TRP A 170 18.80 -23.69 4.43
CA TRP A 170 19.75 -22.59 4.62
C TRP A 170 20.31 -22.54 6.04
N LEU A 171 19.55 -22.98 7.03
CA LEU A 171 19.91 -22.63 8.41
C LEU A 171 20.87 -23.62 9.05
N GLU A 172 20.58 -24.92 8.94
CA GLU A 172 21.41 -25.93 9.57
C GLU A 172 22.90 -25.78 9.26
N PRO A 173 23.33 -25.50 8.03
CA PRO A 173 24.79 -25.39 7.79
C PRO A 173 25.41 -24.23 8.54
N LEU A 174 24.68 -23.13 8.75
CA LEU A 174 25.24 -22.01 9.51
C LEU A 174 25.39 -22.37 10.97
N LEU A 175 24.34 -22.91 11.58
CA LEU A 175 24.36 -23.27 13.00
C LEU A 175 25.34 -24.40 13.28
N ASP A 176 25.54 -25.32 12.34
CA ASP A 176 26.51 -26.39 12.55
C ASP A 176 27.91 -25.83 12.78
N ARG A 177 28.31 -24.79 12.04
CA ARG A 177 29.64 -24.21 12.22
C ARG A 177 29.78 -23.59 13.60
N ILE A 178 28.74 -22.88 14.06
CA ILE A 178 28.78 -22.28 15.39
C ILE A 178 28.70 -23.36 16.46
N ALA A 179 27.93 -24.42 16.22
CA ALA A 179 27.91 -25.50 17.21
C ALA A 179 29.29 -26.12 17.38
N ARG A 180 30.08 -26.23 16.31
CA ARG A 180 31.41 -26.84 16.40
C ARG A 180 32.40 -25.95 17.14
N ASN A 181 32.29 -24.64 16.96
CA ASN A 181 33.20 -23.69 17.62
C ASN A 181 32.48 -22.35 17.67
N SER A 182 32.15 -21.89 18.87
CA SER A 182 31.30 -20.71 19.00
C SER A 182 32.00 -19.42 18.63
N THR A 183 33.32 -19.43 18.37
CA THR A 183 34.00 -18.26 17.85
C THR A 183 33.96 -18.20 16.33
N THR A 184 33.25 -19.10 15.68
CA THR A 184 33.09 -19.04 14.23
C THR A 184 31.89 -18.16 13.87
N VAL A 185 32.14 -17.18 13.00
CA VAL A 185 31.13 -16.30 12.43
C VAL A 185 30.93 -16.73 10.98
N VAL A 186 29.68 -16.79 10.53
CA VAL A 186 29.36 -17.44 9.26
C VAL A 186 28.41 -16.58 8.45
N CYS A 187 28.55 -16.65 7.13
CA CYS A 187 27.65 -16.01 6.20
C CYS A 187 27.11 -17.03 5.20
N PRO A 188 25.83 -16.92 4.86
CA PRO A 188 25.32 -17.65 3.69
C PRO A 188 25.92 -17.04 2.43
N VAL A 189 25.91 -17.84 1.37
CA VAL A 189 26.06 -17.29 0.03
C VAL A 189 24.84 -16.45 -0.28
N ILE A 190 25.08 -15.23 -0.74
CA ILE A 190 24.03 -14.25 -0.96
C ILE A 190 23.68 -14.24 -2.44
N ASP A 191 22.49 -14.74 -2.77
CA ASP A 191 22.07 -14.89 -4.17
C ASP A 191 21.27 -13.66 -4.64
N VAL A 192 21.20 -13.48 -5.95
CA VAL A 192 20.53 -12.31 -6.51
C VAL A 192 19.03 -12.58 -6.65
N ILE A 193 18.22 -11.68 -6.12
CA ILE A 193 16.83 -11.54 -6.53
C ILE A 193 16.75 -10.25 -7.32
N SER A 194 16.19 -10.33 -8.53
CA SER A 194 16.18 -9.19 -9.43
C SER A 194 15.28 -8.08 -8.89
N ASP A 195 15.78 -6.84 -8.92
CA ASP A 195 14.94 -5.71 -8.50
C ASP A 195 13.81 -5.44 -9.49
N GLU A 196 13.89 -5.97 -10.70
CA GLU A 196 12.91 -5.74 -11.75
C GLU A 196 11.85 -6.82 -11.84
N THR A 197 12.25 -8.08 -11.87
CA THR A 197 11.32 -9.18 -12.05
C THR A 197 11.17 -10.04 -10.81
N LEU A 198 11.99 -9.80 -9.79
CA LEU A 198 12.09 -10.63 -8.59
C LEU A 198 12.51 -12.06 -8.89
N GLU A 199 13.01 -12.33 -10.10
CA GLU A 199 13.56 -13.63 -10.41
C GLU A 199 14.71 -13.95 -9.45
N TYR A 200 14.73 -15.19 -8.96
CA TYR A 200 15.80 -15.68 -8.08
C TYR A 200 16.85 -16.43 -8.89
N HIS A 201 18.14 -16.17 -8.60
CA HIS A 201 19.26 -16.73 -9.34
C HIS A 201 20.20 -17.45 -8.39
N TYR A 202 20.61 -18.68 -8.72
CA TYR A 202 21.63 -19.36 -7.96
C TYR A 202 22.66 -20.00 -8.88
N ARG A 203 23.88 -20.15 -8.36
CA ARG A 203 24.99 -20.82 -9.04
C ARG A 203 25.44 -21.99 -8.18
N ASP A 204 26.17 -22.93 -8.78
CA ASP A 204 26.70 -24.00 -7.94
C ASP A 204 27.92 -23.47 -7.16
N SER A 205 28.44 -24.33 -6.28
CA SER A 205 29.48 -23.88 -5.35
C SER A 205 30.80 -23.57 -6.05
N GLY A 206 30.93 -23.89 -7.34
CA GLY A 206 32.15 -23.57 -8.06
C GLY A 206 32.43 -22.09 -8.13
N GLY A 207 31.39 -21.25 -8.19
CA GLY A 207 31.61 -19.83 -8.34
C GLY A 207 31.59 -19.01 -7.07
N VAL A 208 31.94 -19.60 -5.92
CA VAL A 208 31.77 -18.90 -4.67
C VAL A 208 32.83 -17.82 -4.55
N ASN A 209 32.39 -16.61 -4.20
CA ASN A 209 33.28 -15.52 -3.91
C ASN A 209 33.37 -15.28 -2.42
N VAL A 210 34.49 -14.73 -2.01
CA VAL A 210 34.81 -14.49 -0.63
C VAL A 210 35.07 -12.99 -0.45
N GLY A 211 35.03 -12.53 0.78
CA GLY A 211 35.06 -11.09 1.04
C GLY A 211 36.46 -10.54 1.27
N GLY A 212 36.73 -9.39 0.65
CA GLY A 212 37.93 -8.63 0.89
C GLY A 212 37.62 -7.15 1.15
N PHE A 213 38.60 -6.31 0.82
CA PHE A 213 38.39 -4.87 0.92
C PHE A 213 39.46 -4.20 0.08
N ASP A 214 39.21 -2.95 -0.28
CA ASP A 214 40.20 -2.13 -0.98
C ASP A 214 40.69 -1.04 -0.04
N TRP A 215 41.70 -0.31 -0.50
CA TRP A 215 42.38 0.62 0.39
C TRP A 215 41.62 1.94 0.56
N ASN A 216 40.49 2.10 -0.11
CA ASN A 216 39.48 3.05 0.27
C ASN A 216 38.59 2.53 1.43
N LEU A 217 38.93 1.35 1.96
CA LEU A 217 38.22 0.71 3.07
C LEU A 217 36.78 0.41 2.70
N GLN A 218 36.54 0.07 1.43
CA GLN A 218 35.25 -0.43 1.02
C GLN A 218 35.32 -1.95 0.83
N PHE A 219 34.27 -2.64 1.26
CA PHE A 219 34.12 -4.07 0.98
C PHE A 219 34.20 -4.38 -0.51
N SER A 220 34.75 -5.55 -0.85
CA SER A 220 34.77 -6.05 -2.23
C SER A 220 34.84 -7.58 -2.23
N TRP A 221 34.40 -8.17 -3.34
CA TRP A 221 34.42 -9.62 -3.52
C TRP A 221 35.65 -10.07 -4.31
N HIS A 222 36.15 -11.24 -3.97
CA HIS A 222 37.16 -11.90 -4.81
C HIS A 222 36.91 -13.41 -4.78
N PRO A 223 37.40 -14.13 -5.80
CA PRO A 223 37.25 -15.58 -5.80
C PRO A 223 38.09 -16.23 -4.69
N VAL A 224 37.61 -17.39 -4.22
CA VAL A 224 38.33 -18.17 -3.23
C VAL A 224 39.76 -18.34 -3.74
N PRO A 225 40.77 -17.87 -3.01
CA PRO A 225 42.15 -17.99 -3.50
C PRO A 225 42.58 -19.45 -3.51
N GLU A 226 43.58 -19.72 -4.35
CA GLU A 226 44.10 -21.08 -4.46
C GLU A 226 44.59 -21.62 -3.12
N ARG A 227 45.14 -20.74 -2.26
CA ARG A 227 45.56 -21.16 -0.94
CA ARG A 227 45.56 -21.16 -0.94
C ARG A 227 44.41 -21.78 -0.18
N GLU A 228 43.25 -21.13 -0.18
CA GLU A 228 42.09 -21.61 0.55
C GLU A 228 41.43 -22.82 -0.13
N ARG A 229 41.44 -22.87 -1.47
CA ARG A 229 40.88 -24.03 -2.16
C ARG A 229 41.64 -25.32 -1.85
N LYS A 230 42.95 -25.23 -1.65
CA LYS A 230 43.77 -26.40 -1.32
C LYS A 230 43.47 -26.98 0.06
N ARG A 231 42.68 -26.30 0.89
CA ARG A 231 42.29 -26.79 2.20
C ARG A 231 41.07 -27.69 2.17
N HIS A 232 40.45 -27.91 1.02
CA HIS A 232 39.15 -28.55 0.99
C HIS A 232 39.13 -29.62 -0.09
N ASN A 233 38.37 -30.68 0.18
CA ASN A 233 38.17 -31.72 -0.81
C ASN A 233 36.98 -31.43 -1.73
N SER A 234 36.06 -30.56 -1.31
CA SER A 234 34.93 -30.15 -2.13
C SER A 234 34.73 -28.65 -2.02
N THR A 235 34.42 -28.00 -3.16
CA THR A 235 34.11 -26.57 -3.14
C THR A 235 32.84 -26.25 -2.37
N ALA A 236 32.08 -27.27 -1.95
CA ALA A 236 30.88 -27.01 -1.15
C ALA A 236 31.18 -26.85 0.34
N GLU A 237 32.37 -27.20 0.79
CA GLU A 237 32.75 -27.01 2.18
C GLU A 237 32.83 -25.52 2.51
N PRO A 238 32.56 -25.15 3.76
CA PRO A 238 32.72 -23.74 4.16
C PRO A 238 34.15 -23.29 3.95
N VAL A 239 34.31 -22.03 3.53
CA VAL A 239 35.63 -21.46 3.21
C VAL A 239 35.87 -20.25 4.11
N TYR A 240 37.12 -20.06 4.51
CA TYR A 240 37.50 -18.84 5.22
C TYR A 240 37.26 -17.62 4.33
N SER A 241 36.88 -16.50 4.97
CA SER A 241 36.68 -15.23 4.27
C SER A 241 37.33 -14.11 5.08
N PRO A 242 38.22 -13.32 4.46
CA PRO A 242 38.81 -12.18 5.19
C PRO A 242 37.79 -11.18 5.71
N THR A 243 36.70 -10.93 4.97
CA THR A 243 35.66 -9.99 5.39
C THR A 243 34.29 -10.53 5.04
N MET A 244 33.25 -9.90 5.59
CA MET A 244 31.86 -10.20 5.28
C MET A 244 31.20 -8.99 4.64
N ALA A 245 30.22 -9.23 3.75
CA ALA A 245 29.49 -8.12 3.15
C ALA A 245 28.69 -7.36 4.21
N GLY A 246 28.12 -8.07 5.20
CA GLY A 246 27.61 -7.46 6.41
C GLY A 246 26.11 -7.61 6.60
N GLY A 247 25.35 -7.71 5.52
CA GLY A 247 23.89 -7.75 5.66
C GLY A 247 23.40 -9.04 6.30
N LEU A 248 24.05 -10.16 5.99
CA LEU A 248 23.55 -11.49 6.35
C LEU A 248 24.67 -12.26 7.03
N PHE A 249 24.48 -12.59 8.31
CA PHE A 249 25.45 -13.46 8.98
C PHE A 249 24.84 -13.98 10.28
N SER A 250 25.46 -15.04 10.82
CA SER A 250 25.12 -15.59 12.13
C SER A 250 26.34 -15.56 13.04
N ILE A 251 26.08 -15.41 14.34
CA ILE A 251 27.16 -15.33 15.31
C ILE A 251 26.60 -15.78 16.67
N ASP A 252 27.44 -16.48 17.43
CA ASP A 252 27.11 -16.75 18.82
C ASP A 252 26.85 -15.44 19.56
N ARG A 253 25.72 -15.38 20.27
CA ARG A 253 25.28 -14.14 20.88
C ARG A 253 26.29 -13.61 21.89
N GLU A 254 26.87 -14.49 22.70
CA GLU A 254 27.85 -14.04 23.68
C GLU A 254 29.15 -13.61 23.00
N PHE A 255 29.55 -14.32 21.94
CA PHE A 255 30.77 -13.93 21.24
C PHE A 255 30.64 -12.54 20.61
N PHE A 256 29.48 -12.24 20.00
CA PHE A 256 29.22 -10.90 19.50
C PHE A 256 29.40 -9.85 20.60
N ASP A 257 28.84 -10.11 21.78
CA ASP A 257 28.99 -9.18 22.89
CA ASP A 257 28.99 -9.18 22.89
C ASP A 257 30.45 -9.11 23.33
N ARG A 258 31.16 -10.24 23.34
CA ARG A 258 32.58 -10.22 23.70
C ARG A 258 33.38 -9.32 22.77
N LEU A 259 33.05 -9.35 21.49
CA LEU A 259 33.77 -8.52 20.52
C LEU A 259 33.33 -7.06 20.58
N GLY A 260 32.40 -6.71 21.48
CA GLY A 260 31.93 -5.33 21.51
C GLY A 260 30.97 -5.01 20.38
N THR A 261 30.15 -5.99 19.98
CA THR A 261 29.13 -5.85 18.95
C THR A 261 29.62 -4.95 17.83
N TYR A 262 29.00 -3.78 17.65
CA TYR A 262 29.48 -2.79 16.70
C TYR A 262 29.94 -1.53 17.43
N ASP A 263 30.90 -0.81 16.83
CA ASP A 263 31.33 0.49 17.37
C ASP A 263 30.17 1.48 17.24
N SER A 264 29.52 1.80 18.36
CA SER A 264 28.36 2.69 18.33
C SER A 264 28.73 4.13 18.01
N GLY A 265 30.02 4.48 18.02
CA GLY A 265 30.44 5.79 17.55
C GLY A 265 30.51 5.93 16.05
N PHE A 266 30.24 4.85 15.30
CA PHE A 266 30.09 4.95 13.86
C PHE A 266 28.88 5.82 13.55
N ASP A 267 28.93 6.52 12.41
CA ASP A 267 27.71 7.15 11.90
C ASP A 267 26.99 6.12 11.02
N ILE A 268 25.96 6.57 10.29
CA ILE A 268 25.05 5.64 9.63
C ILE A 268 25.57 5.09 8.31
N TRP A 269 26.79 5.44 7.89
CA TRP A 269 27.19 5.20 6.51
C TRP A 269 27.99 3.90 6.30
N GLY A 270 27.84 2.91 7.19
CA GLY A 270 28.38 1.58 6.94
C GLY A 270 29.82 1.41 7.37
N GLY A 271 30.35 0.22 7.07
CA GLY A 271 31.70 -0.14 7.44
C GLY A 271 31.80 -1.02 8.68
N GLU A 272 30.74 -1.10 9.49
CA GLU A 272 30.76 -1.98 10.65
C GLU A 272 30.93 -3.44 10.24
N ASN A 273 30.59 -3.79 8.99
CA ASN A 273 30.91 -5.12 8.50
C ASN A 273 32.42 -5.35 8.52
N LEU A 274 33.18 -4.34 8.12
CA LEU A 274 34.64 -4.44 8.15
C LEU A 274 35.17 -4.48 9.58
N GLU A 275 34.63 -3.62 10.46
CA GLU A 275 35.04 -3.67 11.87
C GLU A 275 34.85 -5.08 12.44
N LEU A 276 33.65 -5.64 12.28
CA LEU A 276 33.39 -6.98 12.82
C LEU A 276 34.30 -8.03 12.18
N SER A 277 34.54 -7.91 10.86
CA SER A 277 35.43 -8.84 10.20
C SER A 277 36.82 -8.81 10.81
N PHE A 278 37.40 -7.61 10.94
CA PHE A 278 38.75 -7.50 11.48
C PHE A 278 38.82 -8.06 12.88
N LYS A 279 37.89 -7.64 13.75
CA LYS A 279 38.04 -8.09 15.13
C LYS A 279 37.74 -9.57 15.29
N THR A 280 36.87 -10.16 14.45
CA THR A 280 36.64 -11.60 14.51
C THR A 280 37.95 -12.37 14.32
N TRP A 281 38.71 -12.00 13.28
CA TRP A 281 39.94 -12.73 12.96
C TRP A 281 41.06 -12.41 13.93
N MET A 282 41.22 -11.15 14.33
CA MET A 282 42.38 -10.90 15.18
C MET A 282 42.09 -11.01 16.68
N CYS A 283 40.86 -11.30 17.08
CA CYS A 283 40.53 -11.48 18.49
C CYS A 283 39.98 -12.87 18.80
N GLY A 284 40.50 -13.90 18.14
CA GLY A 284 40.26 -15.25 18.57
C GLY A 284 39.19 -16.03 17.82
N GLY A 285 38.68 -15.51 16.69
CA GLY A 285 37.62 -16.20 16.01
C GLY A 285 37.95 -16.53 14.57
N THR A 286 36.99 -17.04 13.81
CA THR A 286 37.17 -17.22 12.36
C THR A 286 35.88 -16.80 11.68
N LEU A 287 36.00 -16.53 10.37
CA LEU A 287 34.89 -16.04 9.55
C LEU A 287 34.79 -16.92 8.32
N GLU A 288 33.63 -17.50 8.10
CA GLU A 288 33.44 -18.43 7.00
C GLU A 288 32.26 -18.00 6.15
N ILE A 289 32.37 -18.22 4.85
CA ILE A 289 31.20 -18.25 4.00
C ILE A 289 30.83 -19.72 3.80
N VAL A 290 29.54 -20.02 3.86
CA VAL A 290 29.07 -21.41 3.90
C VAL A 290 28.31 -21.74 2.62
N PRO A 291 28.95 -22.38 1.64
CA PRO A 291 28.30 -22.58 0.33
C PRO A 291 27.02 -23.39 0.38
N CYS A 292 26.80 -24.22 1.39
CA CYS A 292 25.54 -24.96 1.41
C CYS A 292 24.35 -24.13 1.87
N SER A 293 24.58 -22.90 2.32
CA SER A 293 23.53 -22.03 2.85
C SER A 293 23.33 -20.85 1.89
N HIS A 294 22.16 -20.78 1.26
CA HIS A 294 21.83 -19.71 0.32
C HIS A 294 20.72 -18.84 0.87
N VAL A 295 20.89 -17.53 0.79
CA VAL A 295 19.79 -16.62 1.03
C VAL A 295 19.74 -15.65 -0.15
N GLY A 296 18.57 -15.56 -0.79
CA GLY A 296 18.38 -14.56 -1.82
C GLY A 296 18.20 -13.18 -1.22
N HIS A 297 18.61 -12.17 -1.99
CA HIS A 297 18.65 -10.79 -1.53
C HIS A 297 18.29 -9.92 -2.73
N ILE A 298 17.29 -9.05 -2.59
CA ILE A 298 16.89 -8.19 -3.69
C ILE A 298 18.06 -7.26 -3.98
N PHE A 299 18.64 -7.41 -5.17
CA PHE A 299 19.78 -6.62 -5.60
C PHE A 299 19.30 -5.39 -6.36
N ARG A 300 19.42 -4.21 -5.74
CA ARG A 300 19.07 -2.98 -6.43
C ARG A 300 20.21 -2.60 -7.39
N LYS A 301 19.89 -2.49 -8.68
CA LYS A 301 20.89 -2.01 -9.62
C LYS A 301 21.12 -0.51 -9.50
N ARG A 302 20.14 0.24 -8.97
CA ARG A 302 20.31 1.67 -8.75
C ARG A 302 21.40 1.92 -7.72
N SER A 303 22.37 2.74 -8.09
CA SER A 303 23.48 3.09 -7.20
C SER A 303 22.94 3.83 -5.97
N PRO A 304 23.22 3.35 -4.76
CA PRO A 304 22.74 4.06 -3.56
C PRO A 304 23.50 5.34 -3.30
N TYR A 305 22.85 6.23 -2.55
CA TYR A 305 23.38 7.57 -2.34
C TYR A 305 24.79 7.55 -1.79
N LYS A 306 25.10 6.62 -0.89
CA LYS A 306 26.40 6.65 -0.24
C LYS A 306 27.55 6.38 -1.21
N TRP A 307 27.28 5.78 -2.36
CA TRP A 307 28.34 5.53 -3.32
C TRP A 307 28.56 6.66 -4.30
N ARG A 308 27.65 7.63 -4.36
CA ARG A 308 27.79 8.72 -5.31
C ARG A 308 27.64 10.10 -4.67
N SER A 309 27.72 10.18 -3.34
CA SER A 309 27.54 11.47 -2.67
C SER A 309 28.59 12.48 -3.09
N GLY A 310 28.18 13.75 -3.16
CA GLY A 310 29.13 14.82 -3.38
C GLY A 310 30.06 15.05 -2.22
N VAL A 311 29.70 14.59 -1.04
CA VAL A 311 30.57 14.68 0.11
C VAL A 311 30.92 13.26 0.53
N ASN A 312 32.05 13.12 1.22
CA ASN A 312 32.55 11.79 1.60
C ASN A 312 31.88 11.35 2.90
N VAL A 313 30.68 10.77 2.77
CA VAL A 313 29.97 10.29 3.95
C VAL A 313 30.62 9.04 4.54
N LEU A 314 31.53 8.40 3.81
CA LEU A 314 32.21 7.21 4.28
C LEU A 314 33.36 7.49 5.24
N LYS A 315 33.74 8.75 5.41
CA LYS A 315 35.04 9.03 6.03
C LYS A 315 35.05 8.70 7.53
N LYS A 316 34.01 9.11 8.28
CA LYS A 316 34.12 8.97 9.74
C LYS A 316 34.32 7.51 10.14
N ASN A 317 33.49 6.61 9.61
CA ASN A 317 33.58 5.22 10.03
C ASN A 317 34.87 4.58 9.54
N SER A 318 35.34 4.98 8.35
CA SER A 318 36.61 4.45 7.85
C SER A 318 37.77 4.90 8.74
N VAL A 319 37.73 6.16 9.22
CA VAL A 319 38.80 6.65 10.09
C VAL A 319 38.77 5.95 11.45
N ARG A 320 37.57 5.79 12.04
CA ARG A 320 37.47 5.06 13.31
C ARG A 320 37.95 3.62 13.17
N LEU A 321 37.59 2.96 12.06
CA LEU A 321 38.08 1.62 11.76
C LEU A 321 39.60 1.61 11.69
N ALA A 322 40.15 2.45 10.83
CA ALA A 322 41.59 2.48 10.63
C ALA A 322 42.32 2.78 11.93
N GLU A 323 41.79 3.74 12.69
CA GLU A 323 42.47 4.19 13.90
C GLU A 323 42.50 3.09 14.96
N VAL A 324 41.41 2.33 15.11
CA VAL A 324 41.37 1.32 16.17
C VAL A 324 42.06 0.02 15.75
N TRP A 325 41.91 -0.41 14.51
CA TRP A 325 42.20 -1.79 14.15
C TRP A 325 43.34 -2.00 13.18
N MET A 326 43.83 -0.96 12.50
CA MET A 326 44.69 -1.20 11.34
C MET A 326 46.15 -0.85 11.59
N ASP A 327 46.51 -0.42 12.80
CA ASP A 327 47.90 -0.18 13.19
C ASP A 327 48.51 0.80 12.18
N GLU A 328 49.73 0.57 11.71
CA GLU A 328 50.33 1.53 10.80
CA GLU A 328 50.39 1.47 10.78
C GLU A 328 49.79 1.45 9.39
N TYR A 329 48.95 0.44 9.08
CA TYR A 329 48.35 0.35 7.76
C TYR A 329 47.26 1.39 7.54
N SER A 330 46.84 2.10 8.59
CA SER A 330 45.88 3.18 8.43
C SER A 330 46.41 4.26 7.47
N GLN A 331 47.74 4.44 7.40
CA GLN A 331 48.31 5.48 6.54
C GLN A 331 47.90 5.33 5.07
N TYR A 332 47.68 4.09 4.59
CA TYR A 332 47.36 3.93 3.18
C TYR A 332 45.94 4.38 2.89
N TYR A 333 45.01 4.16 3.82
CA TYR A 333 43.71 4.78 3.66
C TYR A 333 43.83 6.29 3.77
N TYR A 334 44.60 6.80 4.74
CA TYR A 334 44.68 8.26 4.88
C TYR A 334 45.24 8.92 3.63
N HIS A 335 46.17 8.26 2.93
CA HIS A 335 46.66 8.84 1.68
CA HIS A 335 46.65 8.85 1.69
C HIS A 335 45.51 9.05 0.71
N ARG A 336 44.55 8.11 0.70
CA ARG A 336 43.43 8.18 -0.25
C ARG A 336 42.55 9.38 0.02
N ILE A 337 42.46 9.83 1.28
CA ILE A 337 41.64 10.99 1.62
C ILE A 337 42.50 12.23 1.92
N GLY A 338 43.72 12.28 1.40
CA GLY A 338 44.56 13.46 1.57
C GLY A 338 44.98 13.73 3.00
N ASN A 339 45.00 12.70 3.85
CA ASN A 339 45.39 12.80 5.25
C ASN A 339 44.55 13.81 6.03
N ASP A 340 43.33 14.10 5.53
CA ASP A 340 42.38 14.99 6.17
C ASP A 340 41.34 14.11 6.85
N LYS A 341 41.62 13.70 8.09
CA LYS A 341 40.77 12.72 8.75
C LYS A 341 39.49 13.32 9.30
N GLY A 342 39.38 14.65 9.36
CA GLY A 342 38.14 15.19 9.89
C GLY A 342 38.01 14.94 11.38
N ASP A 343 36.78 14.97 11.85
CA ASP A 343 36.48 14.67 13.24
C ASP A 343 35.90 13.25 13.25
N TRP A 344 36.62 12.31 13.86
CA TRP A 344 36.15 10.94 13.97
C TRP A 344 35.69 10.59 15.37
N GLY A 345 35.53 11.57 16.25
CA GLY A 345 34.98 11.31 17.56
C GLY A 345 35.98 10.63 18.48
N ASP A 346 35.46 10.11 19.59
CA ASP A 346 36.30 9.52 20.63
C ASP A 346 36.32 8.00 20.45
N VAL A 347 37.52 7.45 20.41
CA VAL A 347 37.76 6.06 20.10
C VAL A 347 38.42 5.31 21.26
N SER A 348 38.59 5.97 22.42
CA SER A 348 39.37 5.37 23.51
C SER A 348 38.73 4.08 24.05
N ASP A 349 37.41 4.03 24.16
CA ASP A 349 36.77 2.81 24.64
C ASP A 349 37.00 1.63 23.70
N ARG A 350 37.04 1.90 22.38
CA ARG A 350 37.30 0.85 21.41
C ARG A 350 38.76 0.41 21.48
N ARG A 351 39.68 1.35 21.72
CA ARG A 351 41.06 0.95 21.96
C ARG A 351 41.18 0.06 23.19
N LYS A 352 40.49 0.44 24.27
CA LYS A 352 40.53 -0.38 25.48
C LYS A 352 39.95 -1.76 25.21
N LEU A 353 38.93 -1.83 24.36
CA LEU A 353 38.34 -3.09 23.98
C LEU A 353 39.36 -4.00 23.31
N ARG A 354 40.08 -3.45 22.32
CA ARG A 354 41.08 -4.24 21.60
C ARG A 354 42.19 -4.71 22.53
N ASN A 355 42.63 -3.82 23.43
CA ASN A 355 43.69 -4.18 24.36
C ASN A 355 43.23 -5.26 25.34
N ASP A 356 42.02 -5.11 25.88
CA ASP A 356 41.51 -6.08 26.84
C ASP A 356 41.32 -7.46 26.21
N LEU A 357 40.96 -7.51 24.92
CA LEU A 357 40.81 -8.78 24.23
C LEU A 357 42.14 -9.42 23.83
N LYS A 358 43.26 -8.73 24.02
CA LYS A 358 44.57 -9.23 23.63
C LYS A 358 44.60 -9.64 22.16
N CYS A 359 44.08 -8.75 21.30
CA CYS A 359 43.96 -9.10 19.90
C CYS A 359 45.33 -9.06 19.24
N LYS A 360 45.42 -9.74 18.10
CA LYS A 360 46.64 -9.75 17.31
C LYS A 360 46.76 -8.45 16.51
N SER A 361 47.90 -8.31 15.82
CA SER A 361 48.20 -7.12 15.05
C SER A 361 47.54 -7.16 13.69
N PHE A 362 47.39 -5.97 13.09
CA PHE A 362 46.82 -5.95 11.75
C PHE A 362 47.78 -6.56 10.75
N LYS A 363 49.08 -6.46 11.01
CA LYS A 363 50.06 -7.14 10.17
C LYS A 363 49.85 -8.65 10.22
N TRP A 364 49.55 -9.19 11.40
CA TRP A 364 49.22 -10.61 11.49
C TRP A 364 47.99 -10.94 10.66
N TYR A 365 46.97 -10.09 10.70
CA TYR A 365 45.78 -10.32 9.88
C TYR A 365 46.14 -10.35 8.40
N LEU A 366 46.89 -9.34 7.95
CA LEU A 366 47.29 -9.30 6.54
C LEU A 366 48.15 -10.50 6.18
N ASP A 367 49.13 -10.81 7.01
CA ASP A 367 50.06 -11.91 6.68
C ASP A 367 49.34 -13.24 6.64
N ASN A 368 48.39 -13.46 7.55
CA ASN A 368 47.83 -14.79 7.77
C ASN A 368 46.44 -14.98 7.19
N ILE A 369 45.58 -13.95 7.23
CA ILE A 369 44.22 -14.11 6.77
C ILE A 369 44.05 -13.63 5.33
N TYR A 370 44.73 -12.56 4.95
CA TYR A 370 44.51 -11.91 3.65
C TYR A 370 45.84 -11.60 2.98
N PRO A 371 46.71 -12.60 2.78
CA PRO A 371 48.03 -12.29 2.21
C PRO A 371 47.98 -11.87 0.75
N GLU A 372 46.86 -12.10 0.07
CA GLU A 372 46.74 -11.68 -1.32
C GLU A 372 46.57 -10.17 -1.47
N LEU A 373 46.23 -9.46 -0.39
CA LEU A 373 46.01 -8.03 -0.50
C LEU A 373 47.33 -7.32 -0.75
N PHE A 374 47.43 -6.64 -1.89
CA PHE A 374 48.61 -5.84 -2.17
C PHE A 374 48.62 -4.59 -1.31
N ILE A 375 49.78 -4.26 -0.75
CA ILE A 375 49.95 -3.10 0.12
C ILE A 375 50.45 -1.93 -0.73
N PRO A 376 49.71 -0.80 -0.79
CA PRO A 376 50.13 0.32 -1.67
C PRO A 376 51.56 0.83 -1.46
N GLY A 377 52.13 0.68 -0.27
CA GLY A 377 53.49 1.10 -0.03
C GLY A 377 54.53 0.30 -0.80
N ASP A 378 54.15 -0.88 -1.29
CA ASP A 378 55.09 -1.72 -2.04
C ASP A 378 55.12 -1.38 -3.54
N SER A 379 54.30 -0.43 -3.99
CA SER A 379 54.22 -0.07 -5.40
C SER A 379 55.40 0.81 -5.82
N VAL A 380 55.59 0.95 -7.13
CA VAL A 380 56.70 1.77 -7.62
C VAL A 380 56.46 3.23 -7.26
N ALA A 381 55.22 3.68 -7.30
CA ALA A 381 54.87 5.04 -6.93
C ALA A 381 53.42 5.04 -6.49
N HIS A 382 53.07 5.97 -5.61
CA HIS A 382 51.70 6.11 -5.17
C HIS A 382 51.45 7.53 -4.67
N GLY A 383 50.33 8.11 -5.10
CA GLY A 383 49.98 9.49 -4.81
C GLY A 383 49.61 10.24 -6.07
N GLU A 384 49.98 11.50 -6.16
CA GLU A 384 49.55 12.24 -7.33
C GLU A 384 50.53 12.04 -8.48
N ILE A 385 50.04 12.34 -9.67
CA ILE A 385 50.84 12.30 -10.88
C ILE A 385 50.69 13.68 -11.50
N ALA A 386 51.75 14.48 -11.39
CA ALA A 386 51.73 15.93 -11.60
C ALA A 386 52.57 16.31 -12.82
N ASN A 387 52.03 17.22 -13.61
CA ASN A 387 52.72 17.79 -14.78
C ASN A 387 53.69 18.87 -14.28
N VAL A 388 55.00 18.60 -14.43
CA VAL A 388 56.05 19.41 -13.80
C VAL A 388 55.92 20.91 -14.06
N PRO A 389 55.83 21.40 -15.30
CA PRO A 389 55.88 22.85 -15.52
C PRO A 389 54.71 23.62 -14.94
N ASN A 390 53.62 22.95 -14.56
CA ASN A 390 52.46 23.65 -14.04
C ASN A 390 51.97 22.95 -12.78
N GLY A 391 50.71 23.17 -12.44
CA GLY A 391 50.13 22.59 -11.25
C GLY A 391 48.93 21.72 -11.57
N MET A 392 48.98 21.00 -12.68
CA MET A 392 47.88 20.14 -13.10
C MET A 392 48.21 18.69 -12.76
N CYS A 393 47.22 17.95 -12.30
CA CYS A 393 47.39 16.57 -11.85
C CYS A 393 46.50 15.64 -12.65
N LEU A 394 46.98 14.42 -12.92
CA LEU A 394 46.12 13.40 -13.47
C LEU A 394 44.92 13.20 -12.56
N ASP A 395 43.71 13.21 -13.15
CA ASP A 395 42.46 13.36 -12.40
C ASP A 395 41.37 12.52 -13.04
N ALA A 396 40.72 11.66 -12.27
CA ALA A 396 39.62 10.86 -12.80
C ALA A 396 38.63 10.50 -11.70
N LYS A 397 37.34 10.50 -12.05
CA LYS A 397 36.28 9.93 -11.22
C LYS A 397 36.27 8.42 -11.44
N GLU A 398 36.60 7.65 -10.41
CA GLU A 398 36.68 6.19 -10.51
C GLU A 398 35.35 5.52 -10.17
N LYS A 399 34.59 5.13 -11.19
CA LYS A 399 33.43 4.25 -11.03
C LYS A 399 33.79 2.84 -11.48
N SER A 400 33.47 1.85 -10.65
CA SER A 400 33.69 0.45 -11.00
C SER A 400 32.51 -0.12 -11.78
N GLU A 402 32.64 0.80 -14.73
CA GLU A 402 32.41 1.55 -15.95
C GLU A 402 33.68 2.25 -16.46
N GLU A 403 33.66 2.59 -17.75
CA GLU A 403 34.72 3.39 -18.34
C GLU A 403 34.43 4.87 -18.11
N THR A 404 35.32 5.55 -17.39
CA THR A 404 35.27 6.94 -16.98
C THR A 404 36.35 7.74 -17.71
N PRO A 405 36.10 9.01 -18.04
CA PRO A 405 37.13 9.79 -18.74
C PRO A 405 38.22 10.23 -17.78
N VAL A 406 39.45 10.26 -18.30
CA VAL A 406 40.60 10.66 -17.52
C VAL A 406 40.97 12.05 -17.98
N SER A 407 41.14 12.97 -17.04
CA SER A 407 41.54 14.29 -17.47
C SER A 407 42.62 14.83 -16.56
N ILE A 408 42.62 16.14 -16.43
CA ILE A 408 43.67 16.86 -15.73
C ILE A 408 42.99 17.98 -14.99
N TYR A 409 43.42 18.22 -13.76
CA TYR A 409 42.84 19.28 -12.95
C TYR A 409 43.92 19.81 -12.03
N GLU A 410 43.69 21.01 -11.52
CA GLU A 410 44.65 21.63 -10.62
C GLU A 410 44.89 20.73 -9.41
N CYS A 411 46.17 20.50 -9.11
CA CYS A 411 46.52 19.62 -8.01
C CYS A 411 45.95 20.17 -6.70
N HIS A 412 45.20 19.35 -5.98
CA HIS A 412 44.58 19.81 -4.74
C HIS A 412 45.09 19.12 -3.49
N GLY A 413 45.96 18.12 -3.60
CA GLY A 413 46.56 17.48 -2.45
C GLY A 413 45.61 16.72 -1.56
N GLN A 414 44.42 16.37 -2.05
CA GLN A 414 43.43 15.69 -1.22
C GLN A 414 43.22 14.23 -1.59
N GLY A 415 44.08 13.66 -2.43
CA GLY A 415 43.90 12.25 -2.79
C GLY A 415 42.70 12.12 -3.70
N GLY A 416 41.77 11.23 -3.35
CA GLY A 416 40.57 11.01 -4.13
C GLY A 416 40.80 10.81 -5.61
N ASN A 417 40.24 11.71 -6.42
CA ASN A 417 40.35 11.61 -7.86
C ASN A 417 41.76 11.83 -8.38
N GLN A 418 42.70 12.31 -7.56
CA GLN A 418 44.07 12.53 -8.02
C GLN A 418 45.06 11.53 -7.41
N TYR A 419 44.56 10.43 -6.83
CA TYR A 419 45.43 9.39 -6.28
C TYR A 419 45.64 8.28 -7.31
N TRP A 420 46.90 7.90 -7.51
CA TRP A 420 47.26 6.86 -8.44
C TRP A 420 48.37 6.02 -7.85
N MET A 421 48.50 4.81 -8.37
CA MET A 421 49.62 3.94 -8.08
C MET A 421 50.24 3.50 -9.38
N LEU A 422 51.57 3.51 -9.42
CA LEU A 422 52.32 2.90 -10.50
C LEU A 422 52.74 1.51 -10.05
N SER A 423 52.28 0.48 -10.75
CA SER A 423 52.60 -0.87 -10.35
C SER A 423 53.86 -1.37 -11.07
N LYS A 424 54.45 -2.41 -10.49
CA LYS A 424 55.59 -3.10 -11.08
C LYS A 424 55.30 -3.55 -12.51
N ALA A 425 54.07 -3.99 -12.76
CA ALA A 425 53.64 -4.46 -14.08
C ALA A 425 53.40 -3.31 -15.05
N GLY A 426 53.69 -2.07 -14.65
CA GLY A 426 53.52 -0.94 -15.54
C GLY A 426 52.12 -0.38 -15.64
N GLU A 427 51.26 -0.66 -14.67
CA GLU A 427 49.91 -0.10 -14.61
C GLU A 427 49.94 1.22 -13.87
N ILE A 428 49.17 2.18 -14.35
CA ILE A 428 48.82 3.36 -13.59
C ILE A 428 47.38 3.13 -13.13
N ARG A 429 47.20 2.88 -11.84
CA ARG A 429 45.96 2.29 -11.39
C ARG A 429 45.48 2.93 -10.10
N ARG A 430 44.18 2.76 -9.86
CA ARG A 430 43.54 3.06 -8.59
C ARG A 430 42.58 1.92 -8.29
N ASP A 431 42.78 1.25 -7.18
CA ASP A 431 42.04 0.03 -6.88
C ASP A 431 42.16 -0.94 -8.05
N ASP A 432 41.05 -1.34 -8.69
CA ASP A 432 41.11 -2.32 -9.78
C ASP A 432 40.90 -1.71 -11.17
N SER A 433 41.01 -0.40 -11.30
CA SER A 433 40.87 0.31 -12.57
C SER A 433 42.25 0.78 -13.03
N CYS A 434 42.52 0.65 -14.33
CA CYS A 434 43.83 0.93 -14.91
C CYS A 434 43.74 1.98 -16.02
N LEU A 435 44.72 2.88 -16.08
CA LEU A 435 44.85 3.80 -17.21
C LEU A 435 45.06 3.03 -18.52
N ASP A 436 44.28 3.40 -19.55
CA ASP A 436 44.24 2.69 -20.82
C ASP A 436 44.21 3.69 -21.97
N TYR A 437 44.94 3.38 -23.03
CA TYR A 437 44.96 4.18 -24.26
C TYR A 437 44.95 3.24 -25.45
N ALA A 438 43.99 3.43 -26.37
CA ALA A 438 43.87 2.59 -27.55
C ALA A 438 43.90 3.40 -28.85
N GLY A 439 44.38 4.63 -28.79
CA GLY A 439 44.51 5.45 -29.97
C GLY A 439 43.53 6.60 -30.06
N LYS A 440 42.51 6.63 -29.22
CA LYS A 440 41.52 7.69 -29.25
C LYS A 440 41.70 8.52 -27.99
N ASP A 441 41.00 8.20 -26.90
CA ASP A 441 41.09 8.95 -25.64
C ASP A 441 41.78 8.10 -24.58
N VAL A 442 42.36 8.77 -23.59
CA VAL A 442 42.87 8.07 -22.41
C VAL A 442 41.72 7.78 -21.47
N THR A 443 41.54 6.51 -21.12
CA THR A 443 40.41 6.14 -20.28
C THR A 443 40.86 5.29 -19.09
N LEU A 444 39.90 5.07 -18.19
CA LEU A 444 40.07 4.27 -16.98
C LEU A 444 39.07 3.11 -17.00
N PHE A 445 39.56 1.87 -17.03
CA PHE A 445 38.66 0.74 -16.90
C PHE A 445 39.39 -0.43 -16.24
N GLY A 446 38.65 -1.49 -15.93
CA GLY A 446 39.19 -2.61 -15.18
C GLY A 446 40.52 -3.17 -15.62
N CYS A 447 41.44 -3.28 -14.65
CA CYS A 447 42.75 -3.89 -14.88
C CYS A 447 42.57 -5.34 -15.30
N HIS A 448 43.20 -5.73 -16.41
CA HIS A 448 43.12 -7.09 -16.89
C HIS A 448 44.42 -7.88 -16.74
N GLY A 449 45.51 -7.25 -16.32
CA GLY A 449 46.76 -7.96 -16.16
C GLY A 449 47.41 -8.45 -17.44
N GLY A 450 47.01 -7.91 -18.59
CA GLY A 450 47.63 -8.28 -19.86
C GLY A 450 48.55 -7.25 -20.47
N LYS A 451 48.96 -6.23 -19.71
CA LYS A 451 49.73 -5.10 -20.21
C LYS A 451 49.06 -4.51 -21.45
N GLY A 452 49.74 -4.53 -22.60
CA GLY A 452 49.12 -4.04 -23.81
C GLY A 452 48.75 -2.58 -23.68
N ASN A 453 47.48 -2.25 -23.90
CA ASN A 453 47.03 -0.86 -23.81
C ASN A 453 47.04 -0.33 -22.38
N GLN A 454 47.28 -1.17 -21.37
CA GLN A 454 47.34 -0.72 -19.98
C GLN A 454 48.77 -0.68 -19.47
N PHE A 455 49.74 -0.73 -20.37
CA PHE A 455 51.15 -0.76 -19.99
C PHE A 455 51.78 0.61 -20.21
N TRP A 456 52.39 1.14 -19.16
CA TRP A 456 53.06 2.44 -19.13
C TRP A 456 54.44 2.28 -18.53
N THR A 457 55.37 3.15 -18.95
CA THR A 457 56.69 3.21 -18.34
C THR A 457 57.02 4.65 -17.99
N TYR A 458 57.65 4.84 -16.84
CA TYR A 458 58.14 6.14 -16.46
C TYR A 458 59.60 6.22 -16.86
N ARG A 459 59.91 7.14 -17.76
CA ARG A 459 61.28 7.32 -18.23
C ARG A 459 61.93 8.37 -17.34
N GLU A 460 62.79 7.89 -16.44
CA GLU A 460 63.32 8.73 -15.35
C GLU A 460 64.08 9.93 -15.88
N ASN A 461 64.93 9.73 -16.90
CA ASN A 461 65.82 10.81 -17.31
C ASN A 461 65.06 11.94 -18.02
N THR A 462 63.89 11.66 -18.59
CA THR A 462 63.09 12.69 -19.24
C THR A 462 61.81 13.00 -18.49
N LYS A 463 61.46 12.20 -17.47
CA LYS A 463 60.22 12.35 -16.71
C LYS A 463 58.97 12.15 -17.56
N GLN A 464 59.10 11.41 -18.67
CA GLN A 464 57.98 11.15 -19.56
C GLN A 464 57.21 9.90 -19.11
N LEU A 465 55.91 9.90 -19.35
CA LEU A 465 55.08 8.71 -19.17
C LEU A 465 54.85 8.12 -20.57
N HIS A 466 55.53 7.02 -20.86
CA HIS A 466 55.57 6.47 -22.21
C HIS A 466 54.62 5.30 -22.29
N HIS A 467 53.84 5.24 -23.36
CA HIS A 467 52.82 4.20 -23.52
C HIS A 467 53.32 3.11 -24.45
N GLY A 468 53.31 1.87 -23.96
CA GLY A 468 53.95 0.76 -24.67
C GLY A 468 53.48 0.45 -26.08
N THR A 469 52.19 0.19 -26.26
CA THR A 469 51.72 -0.25 -27.57
C THR A 469 51.63 0.90 -28.57
N SER A 470 51.36 2.13 -28.13
CA SER A 470 51.29 3.24 -29.06
C SER A 470 52.65 3.86 -29.32
N GLY A 471 53.58 3.75 -28.38
CA GLY A 471 54.83 4.46 -28.55
C GLY A 471 54.75 5.95 -28.32
N LYS A 472 53.61 6.45 -27.81
CA LYS A 472 53.41 7.87 -27.53
C LYS A 472 53.55 8.17 -26.05
N CYS A 473 53.55 9.47 -25.74
CA CYS A 473 53.79 9.98 -24.40
C CYS A 473 52.58 10.75 -23.89
N LEU A 474 52.28 10.61 -22.61
CA LEU A 474 51.18 11.35 -22.01
C LEU A 474 51.56 12.83 -21.90
N ALA A 475 50.62 13.71 -22.21
CA ALA A 475 50.96 15.13 -22.23
C ALA A 475 49.75 15.99 -21.87
N ILE A 476 50.05 17.24 -21.55
CA ILE A 476 49.05 18.28 -21.31
C ILE A 476 49.07 19.24 -22.48
N SER A 477 47.88 19.64 -22.94
CA SER A 477 47.78 20.65 -23.99
C SER A 477 48.33 21.97 -23.48
N GLU A 478 48.78 22.82 -24.39
CA GLU A 478 49.38 24.06 -23.90
C GLU A 478 48.34 25.00 -23.32
N SER A 479 47.09 24.90 -23.75
CA SER A 479 45.99 25.55 -23.02
C SER A 479 45.78 24.94 -21.62
N LYS A 480 46.56 23.95 -21.22
CA LYS A 480 46.60 23.39 -19.87
C LYS A 480 45.27 22.77 -19.42
N ASP A 481 44.37 22.45 -20.34
CA ASP A 481 43.04 21.98 -19.95
C ASP A 481 42.67 20.64 -20.55
N LYS A 482 43.54 20.02 -21.34
CA LYS A 482 43.21 18.75 -21.96
C LYS A 482 44.38 17.80 -21.83
N LEU A 483 44.06 16.55 -21.53
CA LEU A 483 45.04 15.47 -21.47
C LEU A 483 45.10 14.80 -22.82
N LEU A 484 46.30 14.57 -23.32
CA LEU A 484 46.40 13.89 -24.61
C LEU A 484 47.64 12.99 -24.68
N MET A 485 47.69 12.23 -25.76
CA MET A 485 48.83 11.41 -26.11
C MET A 485 49.45 12.01 -27.37
N GLU A 486 50.77 12.24 -27.34
CA GLU A 486 51.44 12.88 -28.46
C GLU A 486 52.80 12.23 -28.66
N GLU A 487 53.43 12.58 -29.77
CA GLU A 487 54.77 12.09 -30.09
C GLU A 487 55.74 12.51 -29.00
N CYS A 488 56.57 11.57 -28.57
CA CYS A 488 57.51 11.86 -27.48
C CYS A 488 58.57 12.87 -27.92
N SER A 489 58.95 13.74 -26.99
CA SER A 489 60.01 14.70 -27.29
C SER A 489 60.71 15.10 -26.00
N ALA A 490 62.02 14.87 -25.94
CA ALA A 490 62.79 15.32 -24.80
C ALA A 490 62.88 16.85 -24.83
N SER A 491 62.75 17.47 -23.66
CA SER A 491 62.76 18.91 -23.38
C SER A 491 61.37 19.53 -23.43
N LEU A 492 60.35 18.82 -23.90
CA LEU A 492 59.00 19.37 -23.92
C LEU A 492 58.48 19.26 -22.49
N SER A 493 58.43 20.39 -21.78
CA SER A 493 57.99 20.39 -20.38
C SER A 493 56.59 19.82 -20.20
N ARG A 494 55.73 19.97 -21.21
CA ARG A 494 54.37 19.44 -21.16
C ARG A 494 54.34 17.91 -21.07
N GLN A 495 55.44 17.23 -21.35
CA GLN A 495 55.52 15.78 -21.24
C GLN A 495 56.23 15.32 -19.98
N GLN A 496 56.58 16.23 -19.08
CA GLN A 496 57.30 15.89 -17.87
C GLN A 496 56.33 15.75 -16.71
N TRP A 497 56.39 14.61 -16.04
CA TRP A 497 55.52 14.30 -14.92
C TRP A 497 56.38 13.93 -13.72
N THR A 498 55.86 14.18 -12.53
CA THR A 498 56.45 13.60 -11.33
C THR A 498 55.44 12.67 -10.67
N LEU A 499 55.93 11.56 -10.17
CA LEU A 499 55.09 10.56 -9.52
C LEU A 499 55.47 10.56 -8.04
N GLU A 500 54.49 10.86 -7.20
CA GLU A 500 54.75 10.91 -5.76
CA GLU A 500 54.75 10.91 -5.76
C GLU A 500 55.24 9.56 -5.26
N ASN A 501 56.29 9.59 -4.42
CA ASN A 501 56.87 8.37 -3.83
C ASN A 501 57.49 7.43 -4.86
N TYR A 502 57.92 7.94 -6.01
CA TYR A 502 58.55 7.08 -7.01
C TYR A 502 59.84 6.48 -6.46
N ASP A 503 59.98 5.16 -6.59
CA ASP A 503 61.13 4.45 -6.04
C ASP A 503 61.64 3.41 -7.03
N SER A 504 62.81 3.68 -7.64
CA SER A 504 63.39 2.78 -8.64
C SER A 504 63.61 1.38 -8.07
N SER A 505 64.01 1.29 -6.81
CA SER A 505 64.35 -0.01 -6.23
C SER A 505 63.17 -0.97 -6.27
N LYS A 506 61.96 -0.46 -6.37
CA LYS A 506 60.79 -1.31 -6.49
C LYS A 506 60.43 -1.64 -7.93
N LEU A 507 61.28 -1.21 -8.88
CA LEU A 507 61.27 -1.46 -10.36
C LEU A 507 60.97 -0.18 -11.14
N GLY B 3 -5.36 -0.96 24.77
CA GLY B 3 -4.37 -0.83 23.71
C GLY B 3 -4.94 -1.21 22.36
N GLY B 4 -6.10 -0.64 22.04
CA GLY B 4 -6.73 -0.98 20.78
C GLY B 4 -6.19 -0.22 19.60
N GLY B 5 -5.30 0.75 19.84
CA GLY B 5 -4.70 1.51 18.77
C GLY B 5 -5.61 2.57 18.20
N PRO B 6 -5.17 3.22 17.12
CA PRO B 6 -5.95 4.30 16.52
C PRO B 6 -7.36 3.83 16.16
N GLY B 7 -8.34 4.68 16.47
CA GLY B 7 -9.70 4.36 16.10
C GLY B 7 -10.39 3.31 16.94
N GLU B 8 -9.81 2.92 18.07
CA GLU B 8 -10.48 1.93 18.91
C GLU B 8 -11.77 2.52 19.47
N LEU B 9 -12.76 1.65 19.69
CA LEU B 9 -14.09 2.07 20.13
C LEU B 9 -14.73 3.05 19.15
N GLY B 10 -14.33 3.02 17.89
CA GLY B 10 -14.90 3.90 16.88
C GLY B 10 -14.53 5.36 16.99
N LYS B 11 -13.50 5.70 17.76
CA LYS B 11 -13.12 7.11 17.91
C LYS B 11 -12.44 7.63 16.65
N PRO B 12 -12.58 8.94 16.37
CA PRO B 12 -12.01 9.49 15.14
C PRO B 12 -10.49 9.47 15.14
N VAL B 13 -9.92 9.30 13.96
CA VAL B 13 -8.47 9.42 13.74
C VAL B 13 -8.25 10.62 12.84
N ARG B 14 -7.46 11.57 13.32
CA ARG B 14 -7.18 12.81 12.60
C ARG B 14 -5.69 12.93 12.34
N LEU B 15 -5.34 13.15 11.09
CA LEU B 15 -3.95 13.38 10.73
C LEU B 15 -3.54 14.80 11.09
N PRO B 16 -2.24 15.06 11.26
CA PRO B 16 -1.81 16.44 11.50
C PRO B 16 -2.05 17.30 10.27
N LYS B 17 -2.28 18.60 10.52
CA LYS B 17 -2.51 19.51 9.40
C LYS B 17 -1.27 19.63 8.51
N GLU B 18 -0.09 19.75 9.10
CA GLU B 18 1.13 19.82 8.32
C GLU B 18 1.76 18.43 8.28
N MET B 19 2.03 17.96 7.06
CA MET B 19 2.59 16.64 6.82
C MET B 19 3.69 16.76 5.76
N SER B 20 4.65 15.83 5.81
CA SER B 20 5.68 15.78 4.78
C SER B 20 5.06 15.58 3.41
N ASP B 21 5.85 15.88 2.37
CA ASP B 21 5.37 15.68 1.01
C ASP B 21 5.05 14.22 0.73
N GLU B 22 5.82 13.31 1.33
CA GLU B 22 5.58 11.90 1.12
C GLU B 22 4.23 11.49 1.71
N MET B 23 3.89 12.02 2.88
CA MET B 23 2.61 11.69 3.49
C MET B 23 1.45 12.28 2.69
N LYS B 24 1.57 13.56 2.29
CA LYS B 24 0.51 14.18 1.50
C LYS B 24 0.23 13.40 0.23
N LYS B 25 1.30 12.94 -0.44
CA LYS B 25 1.13 12.08 -1.61
C LYS B 25 0.34 10.83 -1.24
N ALA B 26 0.64 10.24 -0.08
CA ALA B 26 -0.05 9.01 0.34
C ALA B 26 -1.52 9.27 0.64
N VAL B 27 -1.83 10.34 1.40
CA VAL B 27 -3.25 10.59 1.70
C VAL B 27 -4.00 10.99 0.43
N ASP B 28 -3.40 11.83 -0.42
CA ASP B 28 -4.05 12.19 -1.68
C ASP B 28 -4.29 10.94 -2.52
N ASP B 29 -3.32 10.03 -2.54
CA ASP B 29 -3.50 8.75 -3.22
C ASP B 29 -4.72 8.01 -2.68
N GLY B 30 -4.86 7.98 -1.36
CA GLY B 30 -5.96 7.24 -0.76
C GLY B 30 -7.32 7.79 -1.15
N TRP B 31 -7.45 9.12 -1.12
CA TRP B 31 -8.72 9.76 -1.49
C TRP B 31 -9.05 9.52 -2.94
N THR B 32 -8.06 9.71 -3.83
CA THR B 32 -8.26 9.49 -5.26
C THR B 32 -8.73 8.07 -5.54
N LYS B 33 -8.12 7.08 -4.90
CA LYS B 33 -8.47 5.70 -5.18
C LYS B 33 -9.82 5.32 -4.60
N ASN B 34 -10.20 5.88 -3.45
CA ASN B 34 -11.32 5.33 -2.69
C ASN B 34 -12.45 6.30 -2.39
N ALA B 35 -12.23 7.61 -2.51
CA ALA B 35 -13.18 8.62 -2.00
C ALA B 35 -13.44 8.44 -0.51
N PHE B 36 -12.44 7.90 0.21
CA PHE B 36 -12.38 8.00 1.66
C PHE B 36 -10.91 8.06 2.05
N ASN B 37 -10.65 8.30 3.32
CA ASN B 37 -9.27 8.55 3.74
C ASN B 37 -8.58 7.21 4.02
N GLN B 38 -7.99 6.62 2.97
CA GLN B 38 -7.38 5.30 3.12
C GLN B 38 -6.21 5.33 4.08
N TYR B 39 -5.41 6.41 4.05
CA TYR B 39 -4.28 6.50 4.97
C TYR B 39 -4.76 6.33 6.40
N VAL B 40 -5.89 6.95 6.74
CA VAL B 40 -6.41 6.82 8.11
C VAL B 40 -6.86 5.38 8.36
N SER B 41 -7.55 4.76 7.39
CA SER B 41 -7.93 3.36 7.52
C SER B 41 -6.72 2.49 7.78
N ASP B 42 -5.61 2.77 7.08
CA ASP B 42 -4.42 1.94 7.18
C ASP B 42 -3.79 2.00 8.56
N LEU B 43 -4.05 3.06 9.33
CA LEU B 43 -3.56 3.12 10.70
C LEU B 43 -4.41 2.34 11.68
N ILE B 44 -5.62 1.96 11.30
CA ILE B 44 -6.63 1.43 12.20
C ILE B 44 -6.66 -0.09 12.10
N SER B 45 -6.70 -0.77 13.23
CA SER B 45 -6.72 -2.24 13.23
C SER B 45 -7.86 -2.78 12.36
N VAL B 46 -7.56 -3.84 11.60
CA VAL B 46 -8.62 -4.53 10.89
C VAL B 46 -9.52 -5.33 11.83
N HIS B 47 -9.17 -5.43 13.12
CA HIS B 47 -10.03 -5.95 14.18
C HIS B 47 -10.51 -4.85 15.12
N ARG B 48 -10.54 -3.61 14.65
CA ARG B 48 -10.92 -2.42 15.42
C ARG B 48 -12.18 -2.67 16.24
N THR B 49 -12.07 -2.50 17.56
CA THR B 49 -13.25 -2.64 18.42
C THR B 49 -14.18 -1.46 18.21
N LEU B 50 -15.46 -1.72 18.43
CA LEU B 50 -16.50 -0.70 18.31
C LEU B 50 -17.34 -0.73 19.56
N PRO B 51 -17.96 0.40 19.93
CA PRO B 51 -18.92 0.38 21.03
C PRO B 51 -20.13 -0.46 20.63
N ASP B 52 -20.77 -1.03 21.63
CA ASP B 52 -22.02 -1.76 21.45
C ASP B 52 -23.15 -0.77 21.20
N PRO B 53 -23.75 -0.72 20.00
CA PRO B 53 -24.73 0.32 19.67
C PRO B 53 -26.17 0.00 20.06
N ARG B 54 -26.43 -1.15 20.67
CA ARG B 54 -27.80 -1.63 20.82
C ARG B 54 -28.49 -0.98 22.01
N ASP B 55 -29.80 -0.74 21.86
CA ASP B 55 -30.60 -0.28 22.98
C ASP B 55 -30.68 -1.37 24.05
N ALA B 56 -30.94 -0.92 25.29
CA ALA B 56 -31.04 -1.86 26.41
C ALA B 56 -32.07 -2.95 26.14
N TRP B 57 -33.17 -2.60 25.46
CA TRP B 57 -34.18 -3.59 25.09
C TRP B 57 -33.58 -4.75 24.32
N CYS B 58 -32.63 -4.45 23.42
CA CYS B 58 -32.06 -5.49 22.57
C CYS B 58 -31.31 -6.54 23.37
N LYS B 59 -30.77 -6.17 24.51
CA LYS B 59 -30.02 -7.08 25.36
C LYS B 59 -30.86 -7.66 26.47
N ASP B 60 -31.80 -6.88 27.02
CA ASP B 60 -32.54 -7.27 28.20
C ASP B 60 -33.91 -7.88 27.89
N GLU B 61 -34.54 -7.51 26.80
CA GLU B 61 -35.92 -7.92 26.53
C GLU B 61 -36.11 -8.75 25.27
N ALA B 62 -35.26 -8.57 24.25
CA ALA B 62 -35.36 -9.37 23.03
C ALA B 62 -35.14 -10.85 23.34
N ARG B 63 -35.98 -11.70 22.74
CA ARG B 63 -35.78 -13.15 22.80
C ARG B 63 -35.82 -13.71 21.39
N TYR B 64 -34.77 -14.41 20.99
CA TYR B 64 -34.64 -14.96 19.66
C TYR B 64 -34.70 -16.48 19.68
N LEU B 65 -35.14 -17.05 18.56
CA LEU B 65 -35.07 -18.49 18.39
C LEU B 65 -33.62 -18.95 18.50
N THR B 66 -33.44 -20.19 18.96
CA THR B 66 -32.09 -20.70 19.16
C THR B 66 -31.53 -21.44 17.95
N ASN B 67 -32.36 -22.07 17.12
CA ASN B 67 -31.85 -22.81 15.96
C ASN B 67 -31.91 -21.93 14.71
N LEU B 68 -31.12 -20.87 14.74
CA LEU B 68 -31.12 -19.94 13.62
C LEU B 68 -30.47 -20.58 12.39
N PRO B 69 -30.94 -20.25 11.21
CA PRO B 69 -30.31 -20.77 9.99
C PRO B 69 -28.95 -20.15 9.73
N LYS B 70 -28.01 -20.97 9.24
CA LYS B 70 -26.73 -20.44 8.80
C LYS B 70 -26.91 -19.50 7.62
N THR B 71 -26.07 -18.48 7.55
CA THR B 71 -26.06 -17.57 6.42
C THR B 71 -24.69 -17.59 5.76
N ASP B 72 -24.67 -17.46 4.44
CA ASP B 72 -23.47 -17.06 3.75
C ASP B 72 -23.48 -15.54 3.73
N VAL B 73 -22.28 -14.97 3.75
CA VAL B 73 -22.12 -13.52 3.70
C VAL B 73 -21.43 -13.21 2.38
N ILE B 74 -22.10 -12.46 1.51
CA ILE B 74 -21.58 -12.18 0.18
C ILE B 74 -21.14 -10.73 0.13
N ILE B 75 -19.87 -10.52 -0.19
CA ILE B 75 -19.27 -9.19 -0.23
C ILE B 75 -18.67 -8.99 -1.61
N CYS B 76 -19.22 -8.06 -2.38
CA CYS B 76 -18.71 -7.77 -3.72
C CYS B 76 -17.75 -6.59 -3.66
N PHE B 77 -16.69 -6.62 -4.47
CA PHE B 77 -15.74 -5.52 -4.43
C PHE B 77 -15.10 -5.32 -5.79
N HIS B 78 -14.62 -4.09 -6.00
CA HIS B 78 -13.79 -3.78 -7.16
C HIS B 78 -12.73 -2.80 -6.68
N ASN B 79 -11.50 -3.25 -6.55
CA ASN B 79 -10.39 -2.38 -6.18
C ASN B 79 -10.65 -1.71 -4.82
N GLU B 80 -11.25 -2.46 -3.90
CA GLU B 80 -11.36 -2.03 -2.51
C GLU B 80 -9.99 -1.97 -1.82
N ALA B 81 -9.85 -1.04 -0.88
CA ALA B 81 -8.60 -0.93 -0.14
C ALA B 81 -8.39 -2.15 0.76
N TRP B 82 -7.12 -2.53 0.92
CA TRP B 82 -6.75 -3.72 1.67
C TRP B 82 -7.31 -3.69 3.08
N THR B 83 -7.03 -2.63 3.84
CA THR B 83 -7.46 -2.62 5.25
C THR B 83 -8.96 -2.49 5.37
N VAL B 84 -9.60 -1.87 4.38
CA VAL B 84 -11.05 -1.69 4.45
C VAL B 84 -11.78 -3.00 4.16
N LEU B 85 -11.35 -3.74 3.13
CA LEU B 85 -11.95 -5.05 2.87
C LEU B 85 -11.69 -6.03 4.01
N LEU B 86 -10.44 -6.06 4.52
CA LEU B 86 -10.14 -6.95 5.62
C LEU B 86 -10.97 -6.61 6.85
N ARG B 87 -11.15 -5.31 7.14
CA ARG B 87 -11.92 -4.93 8.33
C ARG B 87 -13.38 -5.39 8.20
N THR B 88 -13.93 -5.30 6.99
CA THR B 88 -15.27 -5.86 6.74
C THR B 88 -15.31 -7.35 7.09
N VAL B 89 -14.39 -8.13 6.52
CA VAL B 89 -14.44 -9.57 6.71
C VAL B 89 -14.24 -9.95 8.17
N HIS B 90 -13.23 -9.34 8.82
CA HIS B 90 -12.96 -9.68 10.21
C HIS B 90 -14.10 -9.26 11.12
N SER B 91 -14.79 -8.16 10.81
CA SER B 91 -15.94 -7.82 11.64
C SER B 91 -17.00 -8.91 11.55
N VAL B 92 -17.16 -9.52 10.37
CA VAL B 92 -18.09 -10.65 10.25
C VAL B 92 -17.59 -11.83 11.08
N LEU B 93 -16.33 -12.20 10.93
CA LEU B 93 -15.82 -13.37 11.67
C LEU B 93 -15.82 -13.13 13.17
N ASP B 94 -15.41 -11.93 13.62
CA ASP B 94 -15.22 -11.69 15.05
C ASP B 94 -16.53 -11.45 15.79
N ARG B 95 -17.57 -10.95 15.11
CA ARG B 95 -18.80 -10.55 15.79
C ARG B 95 -19.99 -11.46 15.49
N SER B 96 -19.83 -12.49 14.65
CA SER B 96 -20.91 -13.44 14.42
C SER B 96 -20.61 -14.77 15.09
N PRO B 97 -21.60 -15.40 15.71
CA PRO B 97 -21.36 -16.75 16.23
C PRO B 97 -20.91 -17.67 15.11
N GLU B 98 -19.90 -18.48 15.42
CA GLU B 98 -19.29 -19.32 14.39
C GLU B 98 -20.32 -20.23 13.73
N HIS B 99 -21.24 -20.79 14.51
CA HIS B 99 -22.19 -21.75 13.96
C HIS B 99 -23.24 -21.12 13.06
N LEU B 100 -23.29 -19.79 12.95
CA LEU B 100 -24.26 -19.12 12.09
C LEU B 100 -23.66 -18.68 10.76
N ILE B 101 -22.36 -18.88 10.55
CA ILE B 101 -21.68 -18.49 9.30
C ILE B 101 -21.40 -19.75 8.50
N GLY B 102 -21.92 -19.79 7.27
CA GLY B 102 -21.54 -20.83 6.33
C GLY B 102 -20.26 -20.43 5.62
N LYS B 103 -20.38 -19.66 4.55
CA LYS B 103 -19.22 -19.17 3.82
C LYS B 103 -19.26 -17.66 3.72
N ILE B 104 -18.10 -17.03 3.81
CA ILE B 104 -17.95 -15.62 3.47
C ILE B 104 -17.42 -15.59 2.03
N ILE B 105 -18.28 -15.19 1.11
CA ILE B 105 -18.01 -15.28 -0.32
C ILE B 105 -17.60 -13.88 -0.81
N LEU B 106 -16.31 -13.71 -1.10
CA LEU B 106 -15.76 -12.46 -1.62
C LEU B 106 -15.83 -12.51 -3.13
N VAL B 107 -16.65 -11.67 -3.73
CA VAL B 107 -16.87 -11.70 -5.17
C VAL B 107 -16.05 -10.56 -5.76
N ASP B 108 -14.97 -10.92 -6.47
CA ASP B 108 -14.08 -9.95 -7.08
C ASP B 108 -14.66 -9.53 -8.43
N ASP B 109 -15.20 -8.31 -8.51
CA ASP B 109 -15.76 -7.82 -9.77
C ASP B 109 -14.66 -7.22 -10.65
N TYR B 110 -13.71 -8.09 -11.00
CA TYR B 110 -12.66 -7.79 -11.97
C TYR B 110 -11.75 -6.66 -11.49
N SER B 111 -11.29 -6.78 -10.24
CA SER B 111 -10.30 -5.86 -9.72
C SER B 111 -8.98 -6.03 -10.47
N ASP B 112 -8.19 -4.97 -10.51
CA ASP B 112 -6.86 -5.06 -11.08
C ASP B 112 -5.74 -4.70 -10.10
N MET B 113 -6.06 -4.24 -8.89
CA MET B 113 -5.01 -3.85 -7.95
C MET B 113 -4.33 -5.09 -7.38
N PRO B 114 -2.99 -5.11 -7.31
CA PRO B 114 -2.28 -6.35 -6.93
C PRO B 114 -2.64 -6.89 -5.56
N HIS B 115 -2.92 -6.04 -4.57
CA HIS B 115 -3.18 -6.56 -3.23
C HIS B 115 -4.45 -7.41 -3.16
N LEU B 116 -5.30 -7.35 -4.18
CA LEU B 116 -6.53 -8.16 -4.19
C LEU B 116 -6.35 -9.48 -4.91
N LYS B 117 -5.13 -9.78 -5.40
CA LYS B 117 -4.92 -11.00 -6.14
C LYS B 117 -4.31 -12.09 -5.24
N ARG B 118 -3.09 -12.52 -5.51
CA ARG B 118 -2.48 -13.58 -4.70
C ARG B 118 -2.37 -13.17 -3.23
N GLN B 119 -2.12 -11.87 -2.97
CA GLN B 119 -1.98 -11.42 -1.59
C GLN B 119 -3.23 -11.74 -0.78
N LEU B 120 -4.41 -11.49 -1.35
CA LEU B 120 -5.67 -11.74 -0.68
C LEU B 120 -5.92 -13.23 -0.47
N GLU B 121 -5.56 -14.06 -1.46
CA GLU B 121 -5.71 -15.51 -1.32
C GLU B 121 -4.82 -16.06 -0.21
N ASP B 122 -3.55 -15.67 -0.21
CA ASP B 122 -2.65 -16.11 0.85
C ASP B 122 -3.15 -15.68 2.22
N TYR B 123 -3.64 -14.45 2.33
CA TYR B 123 -4.07 -13.94 3.63
C TYR B 123 -5.20 -14.78 4.20
N PHE B 124 -6.24 -15.04 3.41
CA PHE B 124 -7.41 -15.76 3.91
C PHE B 124 -7.32 -17.28 3.77
N ALA B 125 -6.17 -17.80 3.32
CA ALA B 125 -5.96 -19.24 3.21
C ALA B 125 -6.15 -19.94 4.54
N ALA B 126 -5.82 -19.28 5.65
CA ALA B 126 -5.99 -19.86 6.96
C ALA B 126 -7.41 -19.76 7.51
N TYR B 127 -8.32 -19.07 6.80
CA TYR B 127 -9.72 -18.93 7.19
C TYR B 127 -10.55 -19.77 6.23
N PRO B 128 -10.83 -21.04 6.55
CA PRO B 128 -11.50 -21.90 5.57
C PRO B 128 -12.92 -21.47 5.21
N LYS B 129 -13.58 -20.63 6.03
CA LYS B 129 -14.88 -20.15 5.63
C LYS B 129 -14.83 -19.08 4.55
N VAL B 130 -13.66 -18.51 4.26
CA VAL B 130 -13.58 -17.43 3.28
C VAL B 130 -13.34 -18.02 1.89
N GLN B 131 -14.21 -17.63 0.96
CA GLN B 131 -14.20 -18.11 -0.42
C GLN B 131 -14.05 -16.91 -1.35
N ILE B 132 -13.10 -16.96 -2.28
CA ILE B 132 -12.87 -15.88 -3.24
C ILE B 132 -13.34 -16.35 -4.61
N ILE B 133 -14.22 -15.56 -5.23
CA ILE B 133 -14.77 -15.80 -6.57
C ILE B 133 -14.29 -14.69 -7.50
N ARG B 134 -13.72 -15.05 -8.66
CA ARG B 134 -13.14 -14.07 -9.59
C ARG B 134 -14.06 -13.86 -10.78
N GLY B 135 -14.54 -12.62 -10.95
CA GLY B 135 -15.25 -12.26 -12.15
C GLY B 135 -14.33 -12.21 -13.36
N GLN B 136 -14.84 -12.65 -14.50
CA GLN B 136 -14.02 -12.71 -15.70
C GLN B 136 -13.99 -11.38 -16.44
N LYS B 137 -14.92 -10.49 -16.12
CA LYS B 137 -14.89 -9.12 -16.63
C LYS B 137 -15.72 -8.28 -15.70
N ARG B 138 -15.57 -6.96 -15.83
CA ARG B 138 -16.26 -6.05 -14.93
C ARG B 138 -17.76 -6.05 -15.25
N GLU B 139 -18.59 -6.44 -14.30
CA GLU B 139 -20.02 -6.62 -14.55
C GLU B 139 -20.93 -5.82 -13.63
N GLY B 140 -20.42 -5.27 -12.54
CA GLY B 140 -21.23 -4.46 -11.64
C GLY B 140 -21.86 -5.26 -10.53
N LEU B 141 -22.50 -4.52 -9.61
CA LEU B 141 -22.95 -5.08 -8.34
C LEU B 141 -24.00 -6.16 -8.54
N ILE B 142 -25.00 -5.90 -9.39
CA ILE B 142 -26.06 -6.87 -9.58
C ILE B 142 -25.50 -8.20 -10.01
N ARG B 143 -24.67 -8.19 -11.07
CA ARG B 143 -24.15 -9.44 -11.57
C ARG B 143 -23.21 -10.09 -10.57
N ALA B 144 -22.45 -9.28 -9.83
CA ALA B 144 -21.55 -9.84 -8.84
C ALA B 144 -22.33 -10.58 -7.74
N ARG B 145 -23.43 -9.99 -7.28
CA ARG B 145 -24.24 -10.59 -6.22
C ARG B 145 -24.94 -11.87 -6.69
N ILE B 146 -25.34 -11.91 -7.95
CA ILE B 146 -25.90 -13.14 -8.52
C ILE B 146 -24.82 -14.20 -8.64
N LEU B 147 -23.60 -13.80 -9.02
CA LEU B 147 -22.48 -14.74 -9.03
C LEU B 147 -22.23 -15.32 -7.64
N GLY B 148 -22.25 -14.46 -6.61
CA GLY B 148 -22.10 -14.96 -5.25
C GLY B 148 -23.23 -15.87 -4.84
N ALA B 149 -24.47 -15.46 -5.15
CA ALA B 149 -25.64 -16.25 -4.82
C ALA B 149 -25.56 -17.63 -5.47
N ASN B 150 -24.99 -17.73 -6.67
CA ASN B 150 -24.87 -19.03 -7.32
C ASN B 150 -23.85 -19.93 -6.65
N HIS B 151 -22.94 -19.38 -5.85
CA HIS B 151 -21.96 -20.19 -5.14
C HIS B 151 -22.38 -20.50 -3.71
N ALA B 152 -23.47 -19.90 -3.25
CA ALA B 152 -23.91 -20.03 -1.87
C ALA B 152 -24.72 -21.29 -1.65
N LYS B 153 -24.51 -21.92 -0.50
CA LYS B 153 -25.18 -23.15 -0.14
C LYS B 153 -26.00 -23.06 1.14
N SER B 154 -25.81 -22.04 1.96
CA SER B 154 -26.55 -21.93 3.21
C SER B 154 -27.99 -21.51 2.95
N PRO B 155 -28.88 -21.72 3.92
CA PRO B 155 -30.30 -21.37 3.69
C PRO B 155 -30.53 -19.86 3.60
N VAL B 156 -29.64 -19.03 4.12
CA VAL B 156 -29.85 -17.59 4.12
C VAL B 156 -28.67 -16.90 3.43
N LEU B 157 -28.96 -15.86 2.67
CA LEU B 157 -27.96 -14.99 2.09
C LEU B 157 -27.96 -13.67 2.84
N THR B 158 -26.77 -13.21 3.24
CA THR B 158 -26.58 -11.88 3.79
C THR B 158 -25.64 -11.12 2.87
N TYR B 159 -26.12 -10.01 2.32
CA TYR B 159 -25.30 -9.14 1.47
C TYR B 159 -24.74 -8.00 2.31
N LEU B 160 -23.43 -7.81 2.23
CA LEU B 160 -22.74 -6.66 2.80
C LEU B 160 -21.92 -6.01 1.71
N ASP B 161 -21.61 -4.74 1.85
CA ASP B 161 -20.64 -4.23 0.89
C ASP B 161 -19.24 -4.22 1.51
N SER B 162 -18.26 -3.87 0.68
CA SER B 162 -16.87 -4.14 1.03
C SER B 162 -16.28 -3.14 2.01
N HIS B 163 -17.05 -2.12 2.43
CA HIS B 163 -16.58 -1.12 3.38
C HIS B 163 -17.61 -0.95 4.50
N CYS B 164 -17.87 -2.05 5.20
CA CYS B 164 -18.77 -2.13 6.35
C CYS B 164 -18.01 -2.62 7.59
N GLU B 165 -18.62 -2.38 8.75
CA GLU B 165 -18.19 -2.98 10.02
C GLU B 165 -19.44 -3.46 10.76
N CYS B 166 -19.58 -4.77 10.86
CA CYS B 166 -20.61 -5.36 11.72
C CYS B 166 -20.33 -5.03 13.18
N THR B 167 -21.39 -4.93 13.99
CA THR B 167 -21.25 -4.58 15.40
C THR B 167 -21.71 -5.73 16.28
N GLU B 168 -21.56 -5.52 17.59
CA GLU B 168 -21.94 -6.49 18.60
C GLU B 168 -23.41 -6.90 18.46
N GLY B 169 -23.65 -8.21 18.34
CA GLY B 169 -25.01 -8.72 18.28
C GLY B 169 -25.78 -8.36 17.01
N TRP B 170 -25.08 -8.09 15.90
CA TRP B 170 -25.74 -7.65 14.66
C TRP B 170 -26.46 -8.80 13.96
N LEU B 171 -25.98 -10.03 14.11
CA LEU B 171 -26.46 -11.09 13.23
C LEU B 171 -27.71 -11.79 13.76
N GLU B 172 -27.73 -12.16 15.03
CA GLU B 172 -28.87 -12.90 15.55
C GLU B 172 -30.22 -12.22 15.29
N PRO B 173 -30.37 -10.91 15.48
CA PRO B 173 -31.71 -10.31 15.26
C PRO B 173 -32.18 -10.40 13.82
N LEU B 174 -31.27 -10.38 12.83
CA LEU B 174 -31.67 -10.54 11.44
C LEU B 174 -32.11 -11.98 11.17
N LEU B 175 -31.29 -12.96 11.58
CA LEU B 175 -31.61 -14.36 11.35
C LEU B 175 -32.85 -14.79 12.12
N ASP B 176 -33.11 -14.16 13.27
CA ASP B 176 -34.30 -14.47 14.03
C ASP B 176 -35.58 -14.17 13.23
N ARG B 177 -35.60 -13.05 12.49
CA ARG B 177 -36.82 -12.71 11.75
C ARG B 177 -37.07 -13.71 10.62
N ILE B 178 -36.02 -14.13 9.93
CA ILE B 178 -36.17 -15.10 8.84
C ILE B 178 -36.52 -16.49 9.40
N ALA B 179 -35.96 -16.86 10.56
CA ALA B 179 -36.33 -18.13 11.19
C ALA B 179 -37.82 -18.18 11.49
N ARG B 180 -38.39 -17.05 11.89
CA ARG B 180 -39.80 -17.02 12.23
C ARG B 180 -40.67 -17.07 10.97
N ASN B 181 -40.20 -16.48 9.87
CA ASN B 181 -40.97 -16.53 8.63
C ASN B 181 -39.99 -16.34 7.49
N SER B 182 -39.85 -17.35 6.64
CA SER B 182 -38.80 -17.32 5.62
C SER B 182 -39.09 -16.33 4.49
N THR B 183 -40.29 -15.76 4.40
CA THR B 183 -40.57 -14.72 3.41
C THR B 183 -40.24 -13.34 3.93
N THR B 184 -39.64 -13.23 5.13
CA THR B 184 -39.23 -11.95 5.67
C THR B 184 -37.83 -11.59 5.17
N VAL B 185 -37.71 -10.39 4.63
CA VAL B 185 -36.43 -9.81 4.21
C VAL B 185 -36.06 -8.74 5.22
N VAL B 186 -34.81 -8.71 5.63
CA VAL B 186 -34.45 -7.89 6.78
C VAL B 186 -33.23 -7.04 6.46
N CYS B 187 -33.18 -5.85 7.06
CA CYS B 187 -32.02 -4.98 6.98
C CYS B 187 -31.56 -4.55 8.35
N PRO B 188 -30.25 -4.47 8.59
CA PRO B 188 -29.76 -3.78 9.77
C PRO B 188 -30.04 -2.28 9.64
N VAL B 189 -30.04 -1.60 10.79
CA VAL B 189 -29.86 -0.15 10.76
C VAL B 189 -28.44 0.14 10.25
N ILE B 190 -28.33 1.04 9.30
CA ILE B 190 -27.04 1.33 8.65
C ILE B 190 -26.48 2.60 9.29
N ASP B 191 -25.37 2.47 10.02
CA ASP B 191 -24.75 3.59 10.73
C ASP B 191 -23.61 4.18 9.90
N VAL B 192 -23.28 5.42 10.19
CA VAL B 192 -22.30 6.19 9.42
C VAL B 192 -20.90 5.93 9.98
N ILE B 193 -19.97 5.50 9.12
CA ILE B 193 -18.55 5.56 9.41
C ILE B 193 -17.96 6.70 8.61
N SER B 194 -17.29 7.63 9.28
CA SER B 194 -16.84 8.84 8.59
C SER B 194 -15.82 8.51 7.51
N ASP B 195 -16.02 9.09 6.33
CA ASP B 195 -15.06 8.93 5.26
C ASP B 195 -13.74 9.62 5.57
N GLU B 196 -13.75 10.61 6.46
CA GLU B 196 -12.55 11.37 6.76
CA GLU B 196 -12.55 11.38 6.76
C GLU B 196 -11.79 10.84 7.96
N THR B 197 -12.49 10.45 9.02
CA THR B 197 -11.87 10.03 10.26
C THR B 197 -12.08 8.57 10.59
N LEU B 198 -12.94 7.86 9.86
CA LEU B 198 -13.40 6.51 10.17
C LEU B 198 -14.16 6.43 11.49
N GLU B 199 -14.54 7.57 12.06
CA GLU B 199 -15.36 7.56 13.27
C GLU B 199 -16.67 6.85 13.02
N TYR B 200 -17.07 6.02 13.98
CA TYR B 200 -18.33 5.29 13.93
C TYR B 200 -19.36 6.06 14.74
N HIS B 201 -20.56 6.23 14.18
CA HIS B 201 -21.64 6.99 14.80
C HIS B 201 -22.87 6.10 14.91
N TYR B 202 -23.46 6.03 16.10
CA TYR B 202 -24.72 5.31 16.26
C TYR B 202 -25.68 6.15 17.11
N ARG B 203 -26.98 5.91 16.91
CA ARG B 203 -28.04 6.51 17.69
C ARG B 203 -28.89 5.43 18.33
N ASP B 204 -29.72 5.84 19.30
CA ASP B 204 -30.65 4.90 19.87
C ASP B 204 -31.79 4.63 18.88
N SER B 205 -32.65 3.68 19.22
CA SER B 205 -33.67 3.26 18.26
C SER B 205 -34.74 4.32 18.03
N GLY B 206 -34.75 5.39 18.83
CA GLY B 206 -35.75 6.44 18.62
C GLY B 206 -35.62 7.11 17.27
N GLY B 207 -34.40 7.28 16.77
CA GLY B 207 -34.24 8.00 15.53
C GLY B 207 -34.18 7.13 14.29
N VAL B 208 -34.82 5.95 14.31
CA VAL B 208 -34.66 5.01 13.20
C VAL B 208 -35.46 5.51 12.00
N ASN B 209 -34.83 5.52 10.85
CA ASN B 209 -35.55 5.85 9.63
C ASN B 209 -35.83 4.58 8.84
N VAL B 210 -36.85 4.67 8.02
CA VAL B 210 -37.32 3.52 7.24
C VAL B 210 -37.26 3.92 5.75
N GLY B 211 -37.31 2.93 4.86
CA GLY B 211 -37.09 3.17 3.44
C GLY B 211 -38.34 3.51 2.65
N GLY B 212 -38.25 4.54 1.81
CA GLY B 212 -39.29 4.90 0.88
C GLY B 212 -38.73 5.13 -0.51
N PHE B 213 -39.42 5.96 -1.28
CA PHE B 213 -38.88 6.35 -2.57
C PHE B 213 -39.52 7.65 -3.02
N ASP B 214 -38.80 8.37 -3.89
CA ASP B 214 -39.29 9.54 -4.59
C ASP B 214 -39.83 9.13 -5.95
N TRP B 215 -40.61 10.03 -6.54
CA TRP B 215 -41.22 9.74 -7.84
C TRP B 215 -40.27 9.97 -9.01
N ASN B 216 -39.00 10.28 -8.73
CA ASN B 216 -37.95 10.07 -9.71
CA ASN B 216 -37.91 10.10 -9.66
C ASN B 216 -37.37 8.67 -9.60
N LEU B 217 -38.08 7.78 -8.90
CA LEU B 217 -37.69 6.40 -8.61
C LEU B 217 -36.30 6.34 -7.98
N GLN B 218 -35.99 7.31 -7.13
CA GLN B 218 -34.81 7.24 -6.28
C GLN B 218 -35.21 6.87 -4.85
N PHE B 219 -34.43 5.98 -4.23
CA PHE B 219 -34.58 5.64 -2.82
C PHE B 219 -34.48 6.88 -1.94
N SER B 220 -35.26 6.92 -0.86
CA SER B 220 -35.20 8.00 0.10
C SER B 220 -35.58 7.46 1.48
N TRP B 221 -35.15 8.18 2.53
CA TRP B 221 -35.46 7.83 3.91
C TRP B 221 -36.63 8.67 4.39
N HIS B 222 -37.43 8.10 5.28
CA HIS B 222 -38.42 8.87 6.02
C HIS B 222 -38.52 8.30 7.42
N PRO B 223 -38.93 9.11 8.40
CA PRO B 223 -39.10 8.59 9.76
C PRO B 223 -40.23 7.57 9.81
N VAL B 224 -40.08 6.62 10.73
CA VAL B 224 -41.10 5.60 10.98
C VAL B 224 -42.43 6.29 11.15
N PRO B 225 -43.44 5.99 10.33
CA PRO B 225 -44.73 6.67 10.43
C PRO B 225 -45.42 6.32 11.74
N GLU B 226 -46.37 7.19 12.13
CA GLU B 226 -47.10 6.97 13.37
C GLU B 226 -47.93 5.69 13.32
N ARG B 227 -48.43 5.34 12.13
CA ARG B 227 -49.17 4.10 11.98
C ARG B 227 -48.29 2.90 12.29
N GLU B 228 -47.02 2.95 11.91
CA GLU B 228 -46.13 1.84 12.20
C GLU B 228 -45.71 1.84 13.66
N ARG B 229 -45.49 3.03 14.24
CA ARG B 229 -45.09 3.11 15.64
C ARG B 229 -46.15 2.52 16.57
N LYS B 230 -47.43 2.60 16.20
CA LYS B 230 -48.48 2.07 17.05
C LYS B 230 -48.55 0.54 17.06
N ARG B 231 -47.83 -0.16 16.18
CA ARG B 231 -47.83 -1.61 16.21
C ARG B 231 -46.82 -2.18 17.20
N HIS B 232 -46.11 -1.34 17.94
CA HIS B 232 -44.97 -1.81 18.74
C HIS B 232 -45.03 -1.19 20.13
N ASN B 233 -44.50 -1.95 21.10
CA ASN B 233 -44.32 -1.48 22.46
C ASN B 233 -42.99 -0.80 22.68
N SER B 234 -41.99 -1.09 21.84
CA SER B 234 -40.68 -0.49 21.95
C SER B 234 -40.21 -0.08 20.57
N THR B 235 -39.56 1.08 20.49
CA THR B 235 -39.01 1.50 19.20
C THR B 235 -37.87 0.62 18.76
N ALA B 236 -37.38 -0.29 19.62
CA ALA B 236 -36.33 -1.20 19.22
C ALA B 236 -36.85 -2.43 18.48
N GLU B 237 -38.16 -2.67 18.50
CA GLU B 237 -38.72 -3.80 17.77
C GLU B 237 -38.52 -3.64 16.26
N PRO B 238 -38.41 -4.75 15.53
CA PRO B 238 -38.34 -4.66 14.07
C PRO B 238 -39.53 -3.93 13.49
N VAL B 239 -39.27 -3.10 12.47
CA VAL B 239 -40.31 -2.26 11.88
C VAL B 239 -40.48 -2.59 10.40
N TYR B 240 -41.72 -2.52 9.92
CA TYR B 240 -41.97 -2.62 8.49
C TYR B 240 -41.27 -1.48 7.78
N SER B 241 -40.71 -1.76 6.60
CA SER B 241 -40.08 -0.73 5.79
C SER B 241 -40.56 -0.91 4.36
N PRO B 242 -41.14 0.13 3.73
CA PRO B 242 -41.59 -0.04 2.34
C PRO B 242 -40.49 -0.39 1.36
N THR B 243 -39.28 0.14 1.55
CA THR B 243 -38.17 -0.14 0.65
C THR B 243 -36.89 -0.36 1.45
N MET B 244 -35.86 -0.89 0.78
CA MET B 244 -34.55 -1.08 1.39
C MET B 244 -33.53 -0.22 0.66
N ALA B 245 -32.52 0.24 1.39
CA ALA B 245 -31.47 1.03 0.76
C ALA B 245 -30.72 0.19 -0.27
N GLY B 246 -30.48 -1.09 0.04
CA GLY B 246 -30.05 -2.07 -0.96
C GLY B 246 -28.69 -2.69 -0.70
N GLY B 247 -27.78 -1.97 -0.05
CA GLY B 247 -26.45 -2.50 0.12
C GLY B 247 -26.37 -3.67 1.09
N LEU B 248 -27.17 -3.61 2.15
CA LEU B 248 -27.02 -4.52 3.29
C LEU B 248 -28.39 -5.14 3.58
N PHE B 249 -28.52 -6.46 3.41
CA PHE B 249 -29.77 -7.13 3.77
C PHE B 249 -29.53 -8.64 3.84
N SER B 250 -30.49 -9.33 4.46
CA SER B 250 -30.51 -10.78 4.51
C SER B 250 -31.83 -11.26 3.97
N ILE B 251 -31.80 -12.44 3.34
CA ILE B 251 -32.97 -13.01 2.70
C ILE B 251 -32.80 -14.53 2.67
N ASP B 252 -33.93 -15.23 2.81
CA ASP B 252 -33.94 -16.66 2.58
C ASP B 252 -33.47 -16.93 1.16
N ARG B 253 -32.48 -17.83 1.03
CA ARG B 253 -31.88 -18.09 -0.29
C ARG B 253 -32.90 -18.57 -1.30
N GLU B 254 -33.81 -19.44 -0.89
CA GLU B 254 -34.82 -19.95 -1.81
C GLU B 254 -35.82 -18.86 -2.18
N PHE B 255 -36.20 -18.03 -1.20
CA PHE B 255 -37.15 -16.94 -1.47
C PHE B 255 -36.57 -15.93 -2.46
N PHE B 256 -35.28 -15.59 -2.32
CA PHE B 256 -34.60 -14.75 -3.30
C PHE B 256 -34.69 -15.34 -4.70
N ASP B 257 -34.46 -16.65 -4.82
CA ASP B 257 -34.53 -17.28 -6.13
C ASP B 257 -35.96 -17.28 -6.66
N ARG B 258 -36.94 -17.55 -5.79
CA ARG B 258 -38.33 -17.55 -6.20
C ARG B 258 -38.76 -16.17 -6.74
N LEU B 259 -38.24 -15.10 -6.15
CA LEU B 259 -38.58 -13.74 -6.58
C LEU B 259 -37.86 -13.31 -7.85
N GLY B 260 -37.05 -14.17 -8.44
CA GLY B 260 -36.29 -13.80 -9.62
C GLY B 260 -35.11 -12.92 -9.32
N THR B 261 -34.47 -13.10 -8.16
CA THR B 261 -33.28 -12.37 -7.71
C THR B 261 -33.34 -10.92 -8.17
N TYR B 262 -32.46 -10.51 -9.08
CA TYR B 262 -32.55 -9.18 -9.68
C TYR B 262 -32.85 -9.28 -11.17
N ASP B 263 -33.48 -8.24 -11.71
CA ASP B 263 -33.70 -8.17 -13.15
C ASP B 263 -32.36 -8.13 -13.87
N SER B 264 -31.98 -9.23 -14.49
CA SER B 264 -30.68 -9.28 -15.14
C SER B 264 -30.60 -8.35 -16.35
N GLY B 265 -31.72 -7.81 -16.82
CA GLY B 265 -31.71 -6.77 -17.83
C GLY B 265 -31.41 -5.37 -17.31
N PHE B 266 -31.28 -5.21 -15.99
CA PHE B 266 -30.79 -3.95 -15.43
C PHE B 266 -29.36 -3.68 -15.87
N ASP B 267 -29.02 -2.42 -16.04
CA ASP B 267 -27.62 -2.05 -16.21
C ASP B 267 -27.04 -1.74 -14.83
N ILE B 268 -25.84 -1.18 -14.80
CA ILE B 268 -25.09 -1.07 -13.55
C ILE B 268 -25.50 0.11 -12.68
N TRP B 269 -26.50 0.89 -13.09
CA TRP B 269 -26.77 2.17 -12.47
C TRP B 269 -27.83 2.12 -11.37
N GLY B 270 -28.03 0.97 -10.74
CA GLY B 270 -28.82 0.92 -9.52
C GLY B 270 -30.31 0.79 -9.76
N GLY B 271 -31.05 0.81 -8.64
CA GLY B 271 -32.49 0.65 -8.64
C GLY B 271 -32.98 -0.75 -8.31
N GLU B 272 -32.09 -1.75 -8.36
CA GLU B 272 -32.49 -3.11 -8.03
C GLU B 272 -32.91 -3.27 -6.57
N ASN B 273 -32.48 -2.36 -5.69
CA ASN B 273 -33.02 -2.33 -4.35
C ASN B 273 -34.54 -2.08 -4.34
N LEU B 274 -35.00 -1.18 -5.20
CA LEU B 274 -36.43 -0.91 -5.31
C LEU B 274 -37.17 -2.08 -5.95
N GLU B 275 -36.59 -2.68 -6.98
CA GLU B 275 -37.21 -3.86 -7.56
C GLU B 275 -37.40 -4.94 -6.49
N LEU B 276 -36.34 -5.27 -5.76
CA LEU B 276 -36.48 -6.30 -4.73
C LEU B 276 -37.49 -5.89 -3.66
N SER B 277 -37.49 -4.61 -3.26
CA SER B 277 -38.45 -4.12 -2.28
C SER B 277 -39.89 -4.30 -2.75
N PHE B 278 -40.21 -3.84 -3.95
CA PHE B 278 -41.57 -3.97 -4.47
C PHE B 278 -42.00 -5.44 -4.51
N LYS B 279 -41.15 -6.31 -5.06
CA LYS B 279 -41.52 -7.72 -5.23
C LYS B 279 -41.67 -8.43 -3.89
N THR B 280 -40.83 -8.07 -2.92
CA THR B 280 -40.95 -8.70 -1.60
C THR B 280 -42.34 -8.48 -1.03
N TRP B 281 -42.81 -7.23 -1.09
CA TRP B 281 -44.09 -6.89 -0.50
C TRP B 281 -45.26 -7.41 -1.32
N MET B 282 -45.21 -7.32 -2.65
CA MET B 282 -46.41 -7.71 -3.38
C MET B 282 -46.42 -9.17 -3.80
N CYS B 283 -45.36 -9.92 -3.54
CA CYS B 283 -45.33 -11.34 -3.90
C CYS B 283 -45.17 -12.24 -2.68
N GLY B 284 -45.81 -11.88 -1.56
CA GLY B 284 -45.97 -12.80 -0.46
C GLY B 284 -45.01 -12.67 0.70
N GLY B 285 -44.22 -11.61 0.77
CA GLY B 285 -43.25 -11.48 1.84
C GLY B 285 -43.42 -10.19 2.62
N THR B 286 -42.46 -9.89 3.50
CA THR B 286 -42.40 -8.61 4.20
C THR B 286 -40.95 -8.15 4.22
N LEU B 287 -40.78 -6.86 4.50
CA LEU B 287 -39.46 -6.23 4.53
C LEU B 287 -39.37 -5.45 5.83
N GLU B 288 -38.34 -5.73 6.63
CA GLU B 288 -38.17 -5.09 7.93
C GLU B 288 -36.78 -4.48 8.09
N ILE B 289 -36.73 -3.35 8.79
CA ILE B 289 -35.48 -2.88 9.36
C ILE B 289 -35.45 -3.28 10.83
N VAL B 290 -34.30 -3.77 11.27
CA VAL B 290 -34.16 -4.42 12.57
C VAL B 290 -33.30 -3.54 13.48
N PRO B 291 -33.90 -2.71 14.33
CA PRO B 291 -33.09 -1.75 15.12
C PRO B 291 -32.06 -2.39 16.04
N CYS B 292 -32.21 -3.66 16.43
CA CYS B 292 -31.21 -4.29 17.28
C CYS B 292 -29.95 -4.70 16.51
N SER B 293 -29.97 -4.58 15.18
CA SER B 293 -28.86 -4.98 14.31
C SER B 293 -28.27 -3.74 13.65
N HIS B 294 -27.04 -3.39 14.00
CA HIS B 294 -26.34 -2.23 13.44
C HIS B 294 -25.15 -2.69 12.62
N VAL B 295 -25.00 -2.11 11.43
CA VAL B 295 -23.79 -2.27 10.64
C VAL B 295 -23.29 -0.90 10.24
N GLY B 296 -22.03 -0.60 10.54
CA GLY B 296 -21.43 0.62 10.07
C GLY B 296 -21.08 0.52 8.58
N HIS B 297 -21.10 1.67 7.91
CA HIS B 297 -20.89 1.78 6.48
C HIS B 297 -20.12 3.07 6.20
N ILE B 298 -19.00 2.97 5.50
CA ILE B 298 -18.28 4.17 5.10
C ILE B 298 -19.09 4.87 4.00
N PHE B 299 -19.67 6.03 4.28
CA PHE B 299 -20.38 6.75 3.24
C PHE B 299 -19.38 7.65 2.52
N ARG B 300 -19.46 7.66 1.20
CA ARG B 300 -18.52 8.42 0.38
CA ARG B 300 -18.52 8.42 0.38
C ARG B 300 -19.21 9.64 -0.22
N LYS B 301 -18.41 10.66 -0.50
CA LYS B 301 -18.83 11.96 -1.06
C LYS B 301 -19.80 12.70 -0.13
N ASN B 312 -29.17 10.93 -18.71
CA ASN B 312 -29.60 10.39 -17.42
C ASN B 312 -29.44 8.88 -17.41
N VAL B 313 -28.28 8.41 -16.92
CA VAL B 313 -28.01 6.98 -16.90
C VAL B 313 -28.88 6.23 -15.89
N LEU B 314 -29.60 6.93 -15.03
CA LEU B 314 -30.49 6.26 -14.07
C LEU B 314 -31.78 5.80 -14.71
N LYS B 315 -32.05 6.21 -15.94
CA LYS B 315 -33.39 6.11 -16.50
C LYS B 315 -33.74 4.66 -16.85
N LYS B 316 -32.81 3.92 -17.46
CA LYS B 316 -33.14 2.60 -18.01
C LYS B 316 -33.68 1.66 -16.94
N ASN B 317 -33.00 1.57 -15.79
CA ASN B 317 -33.46 0.65 -14.76
C ASN B 317 -34.77 1.12 -14.14
N SER B 318 -34.95 2.44 -14.01
CA SER B 318 -36.19 2.96 -13.46
C SER B 318 -37.37 2.66 -14.37
N VAL B 319 -37.17 2.74 -15.69
CA VAL B 319 -38.26 2.44 -16.61
C VAL B 319 -38.61 0.96 -16.56
N ARG B 320 -37.59 0.08 -16.55
CA ARG B 320 -37.88 -1.35 -16.41
C ARG B 320 -38.64 -1.63 -15.13
N LEU B 321 -38.23 -0.99 -14.03
CA LEU B 321 -38.92 -1.09 -12.75
C LEU B 321 -40.38 -0.67 -12.89
N ALA B 322 -40.61 0.54 -13.40
CA ALA B 322 -41.96 1.07 -13.51
C ALA B 322 -42.84 0.19 -14.37
N GLU B 323 -42.31 -0.27 -15.51
CA GLU B 323 -43.12 -1.04 -16.46
C GLU B 323 -43.57 -2.35 -15.86
N VAL B 324 -42.68 -3.04 -15.14
CA VAL B 324 -42.98 -4.38 -14.65
C VAL B 324 -43.81 -4.33 -13.36
N TRP B 325 -43.53 -3.36 -12.48
CA TRP B 325 -44.05 -3.49 -11.12
C TRP B 325 -45.02 -2.39 -10.69
N MET B 326 -45.12 -1.27 -11.42
CA MET B 326 -45.80 -0.11 -10.84
C MET B 326 -47.18 0.18 -11.44
N ASP B 327 -47.68 -0.65 -12.35
CA ASP B 327 -49.05 -0.54 -12.87
C ASP B 327 -49.27 0.88 -13.41
N GLU B 328 -50.37 1.55 -13.08
CA GLU B 328 -50.65 2.87 -13.64
C GLU B 328 -49.80 3.96 -13.00
N TYR B 329 -49.16 3.68 -11.87
CA TYR B 329 -48.36 4.69 -11.21
C TYR B 329 -47.07 4.97 -11.95
N SER B 330 -46.72 4.15 -12.93
CA SER B 330 -45.54 4.45 -13.71
C SER B 330 -45.66 5.82 -14.38
N GLN B 331 -46.89 6.22 -14.71
CA GLN B 331 -47.09 7.51 -15.38
C GLN B 331 -46.50 8.65 -14.55
N TYR B 332 -46.49 8.53 -13.23
CA TYR B 332 -46.01 9.63 -12.41
C TYR B 332 -44.50 9.76 -12.52
N TYR B 333 -43.79 8.65 -12.62
CA TYR B 333 -42.36 8.73 -12.93
C TYR B 333 -42.12 9.24 -14.35
N TYR B 334 -42.88 8.74 -15.33
CA TYR B 334 -42.64 9.19 -16.70
C TYR B 334 -42.86 10.69 -16.83
N HIS B 335 -43.85 11.21 -16.11
CA HIS B 335 -44.09 12.66 -16.09
C HIS B 335 -42.89 13.41 -15.50
N ARG B 336 -42.31 12.89 -14.39
CA ARG B 336 -41.13 13.52 -13.79
C ARG B 336 -39.99 13.65 -14.75
N ILE B 337 -39.85 12.72 -15.68
CA ILE B 337 -38.74 12.73 -16.64
C ILE B 337 -39.19 13.21 -18.02
N GLY B 338 -40.27 14.00 -18.07
CA GLY B 338 -40.72 14.55 -19.33
C GLY B 338 -41.21 13.55 -20.35
N ASN B 339 -41.67 12.38 -19.90
CA ASN B 339 -42.21 11.33 -20.77
C ASN B 339 -41.22 10.92 -21.85
N ASP B 340 -39.93 11.09 -21.57
CA ASP B 340 -38.87 10.68 -22.48
C ASP B 340 -38.22 9.43 -21.87
N LYS B 341 -38.84 8.27 -22.15
CA LYS B 341 -38.45 7.02 -21.50
C LYS B 341 -37.22 6.35 -22.12
N GLY B 342 -36.84 6.72 -23.35
CA GLY B 342 -35.66 6.08 -23.92
C GLY B 342 -35.86 4.61 -24.27
N ASP B 343 -34.74 3.89 -24.34
CA ASP B 343 -34.74 2.46 -24.59
C ASP B 343 -34.54 1.70 -23.28
N TRP B 344 -35.56 0.94 -22.87
CA TRP B 344 -35.45 0.14 -21.66
C TRP B 344 -35.35 -1.36 -21.93
N GLY B 345 -35.16 -1.77 -23.18
CA GLY B 345 -34.95 -3.18 -23.43
C GLY B 345 -36.20 -4.02 -23.34
N ASP B 346 -35.99 -5.33 -23.26
CA ASP B 346 -37.06 -6.30 -23.23
C ASP B 346 -37.37 -6.67 -21.78
N VAL B 347 -38.64 -6.56 -21.42
CA VAL B 347 -39.13 -6.73 -20.06
C VAL B 347 -40.13 -7.89 -19.96
N SER B 348 -40.35 -8.61 -21.06
CA SER B 348 -41.41 -9.61 -21.13
C SER B 348 -41.18 -10.77 -20.14
N ASP B 349 -39.93 -11.20 -19.95
CA ASP B 349 -39.68 -12.26 -18.98
C ASP B 349 -40.05 -11.83 -17.56
N ARG B 350 -39.84 -10.55 -17.23
CA ARG B 350 -40.17 -10.08 -15.89
C ARG B 350 -41.69 -9.96 -15.71
N ARG B 351 -42.41 -9.56 -16.76
CA ARG B 351 -43.86 -9.55 -16.67
C ARG B 351 -44.39 -10.95 -16.40
N LYS B 352 -43.80 -11.96 -17.05
CA LYS B 352 -44.23 -13.33 -16.85
C LYS B 352 -43.90 -13.80 -15.42
N LEU B 353 -42.74 -13.39 -14.89
CA LEU B 353 -42.38 -13.74 -13.51
C LEU B 353 -43.41 -13.22 -12.53
N ARG B 354 -43.75 -11.92 -12.65
CA ARG B 354 -44.75 -11.33 -11.77
C ARG B 354 -46.10 -12.04 -11.89
N ASN B 355 -46.50 -12.39 -13.12
CA ASN B 355 -47.77 -13.09 -13.28
C ASN B 355 -47.73 -14.47 -12.62
N ASP B 356 -46.66 -15.22 -12.86
CA ASP B 356 -46.56 -16.56 -12.31
C ASP B 356 -46.54 -16.55 -10.79
N LEU B 357 -45.97 -15.51 -10.19
CA LEU B 357 -45.98 -15.40 -8.73
C LEU B 357 -47.32 -14.96 -8.18
N LYS B 358 -48.28 -14.57 -9.04
CA LYS B 358 -49.58 -14.07 -8.60
C LYS B 358 -49.44 -12.93 -7.61
N CYS B 359 -48.61 -11.95 -7.98
CA CYS B 359 -48.32 -10.84 -7.07
C CYS B 359 -49.51 -9.89 -6.98
N LYS B 360 -49.52 -9.08 -5.93
CA LYS B 360 -50.57 -8.09 -5.77
C LYS B 360 -50.29 -6.88 -6.65
N SER B 361 -51.24 -5.94 -6.65
CA SER B 361 -51.15 -4.75 -7.47
C SER B 361 -50.28 -3.70 -6.80
N PHE B 362 -49.80 -2.75 -7.61
CA PHE B 362 -49.03 -1.67 -6.99
C PHE B 362 -49.92 -0.77 -6.15
N LYS B 363 -51.20 -0.62 -6.53
CA LYS B 363 -52.13 0.12 -5.70
C LYS B 363 -52.30 -0.55 -4.34
N TRP B 364 -52.33 -1.88 -4.31
CA TRP B 364 -52.37 -2.57 -3.03
C TRP B 364 -51.13 -2.23 -2.19
N TYR B 365 -49.96 -2.20 -2.82
CA TYR B 365 -48.73 -1.88 -2.10
C TYR B 365 -48.78 -0.49 -1.49
N LEU B 366 -49.16 0.51 -2.29
CA LEU B 366 -49.25 1.88 -1.80
C LEU B 366 -50.30 2.01 -0.70
N ASP B 367 -51.47 1.39 -0.91
CA ASP B 367 -52.56 1.52 0.04
C ASP B 367 -52.23 0.87 1.39
N ASN B 368 -51.53 -0.26 1.38
CA ASN B 368 -51.32 -1.08 2.56
C ASN B 368 -49.94 -0.95 3.17
N ILE B 369 -48.90 -0.87 2.35
CA ILE B 369 -47.53 -0.86 2.82
C ILE B 369 -46.99 0.57 2.95
N TYR B 370 -47.40 1.45 2.04
CA TYR B 370 -46.82 2.78 2.01
C TYR B 370 -47.88 3.87 1.80
N PRO B 371 -48.93 3.93 2.64
CA PRO B 371 -49.99 4.91 2.39
C PRO B 371 -49.58 6.34 2.64
N GLU B 372 -48.45 6.55 3.32
CA GLU B 372 -47.96 7.91 3.57
C GLU B 372 -47.36 8.56 2.32
N LEU B 373 -47.06 7.79 1.28
CA LEU B 373 -46.43 8.35 0.10
C LEU B 373 -47.41 9.26 -0.62
N PHE B 374 -47.01 10.52 -0.84
CA PHE B 374 -47.85 11.46 -1.58
C PHE B 374 -47.92 11.07 -3.05
N ILE B 375 -49.13 10.98 -3.60
CA ILE B 375 -49.37 10.57 -4.97
C ILE B 375 -49.56 11.81 -5.85
N PRO B 376 -48.69 12.07 -6.84
CA PRO B 376 -48.84 13.31 -7.62
C PRO B 376 -50.23 13.50 -8.22
N GLY B 377 -50.96 12.41 -8.47
CA GLY B 377 -52.30 12.53 -9.01
C GLY B 377 -53.28 13.22 -8.08
N ASP B 378 -52.98 13.28 -6.78
CA ASP B 378 -53.87 13.91 -5.80
C ASP B 378 -53.61 15.39 -5.66
N SER B 379 -52.60 15.92 -6.34
CA SER B 379 -52.24 17.32 -6.18
C SER B 379 -53.22 18.21 -6.94
N VAL B 380 -53.28 19.48 -6.53
CA VAL B 380 -54.09 20.46 -7.22
C VAL B 380 -53.51 20.72 -8.60
N ALA B 381 -52.20 20.62 -8.73
CA ALA B 381 -51.51 20.76 -10.00
C ALA B 381 -50.20 20.01 -9.89
N HIS B 382 -49.73 19.48 -11.00
CA HIS B 382 -48.44 18.79 -10.98
C HIS B 382 -47.84 18.87 -12.38
N GLY B 383 -46.56 19.19 -12.43
CA GLY B 383 -45.93 19.47 -13.71
C GLY B 383 -45.23 20.80 -13.63
N GLU B 384 -45.30 21.59 -14.68
CA GLU B 384 -44.54 22.82 -14.63
C GLU B 384 -45.35 23.96 -13.99
N ILE B 385 -44.62 24.96 -13.52
CA ILE B 385 -45.21 26.19 -12.99
C ILE B 385 -44.55 27.29 -13.82
N ALA B 386 -45.29 27.80 -14.79
CA ALA B 386 -44.71 28.58 -15.88
C ALA B 386 -45.22 30.00 -15.87
N ASN B 387 -44.29 30.94 -16.02
CA ASN B 387 -44.66 32.31 -16.32
C ASN B 387 -44.78 32.38 -17.84
N VAL B 388 -46.00 32.17 -18.33
CA VAL B 388 -46.22 32.08 -19.78
C VAL B 388 -45.73 33.33 -20.50
N PRO B 389 -45.98 34.55 -20.02
CA PRO B 389 -45.60 35.72 -20.84
C PRO B 389 -44.11 35.79 -21.13
N ASN B 390 -43.24 35.23 -20.28
CA ASN B 390 -41.81 35.29 -20.50
C ASN B 390 -41.20 33.91 -20.79
N GLY B 391 -41.99 32.86 -20.84
CA GLY B 391 -41.45 31.53 -21.03
C GLY B 391 -40.45 31.12 -19.98
N MET B 392 -40.64 31.56 -18.72
CA MET B 392 -39.75 31.20 -17.63
C MET B 392 -40.47 30.25 -16.68
N CYS B 393 -39.75 29.25 -16.19
CA CYS B 393 -40.35 28.22 -15.35
C CYS B 393 -39.67 28.20 -14.00
N LEU B 394 -40.47 27.99 -12.97
CA LEU B 394 -39.94 27.74 -11.63
C LEU B 394 -38.95 26.58 -11.69
N ASP B 395 -37.75 26.80 -11.14
CA ASP B 395 -36.63 25.91 -11.43
C ASP B 395 -35.75 25.79 -10.19
N ALA B 396 -35.54 24.56 -9.74
CA ALA B 396 -34.64 24.31 -8.63
C ALA B 396 -34.06 22.92 -8.77
N LYS B 397 -32.78 22.80 -8.45
CA LYS B 397 -32.14 21.51 -8.32
C LYS B 397 -32.39 21.00 -6.90
N GLU B 398 -33.17 19.92 -6.77
CA GLU B 398 -33.39 19.30 -5.47
C GLU B 398 -32.38 18.19 -5.22
N LYS B 399 -31.13 18.43 -5.59
CA LYS B 399 -30.02 17.55 -5.27
C LYS B 399 -29.26 18.02 -4.04
N SER B 400 -29.55 19.22 -3.55
CA SER B 400 -28.83 19.77 -2.41
C SER B 400 -29.28 19.09 -1.12
N GLU B 401 -28.31 18.84 -0.25
CA GLU B 401 -28.56 18.54 1.14
C GLU B 401 -28.06 19.62 2.07
N GLU B 402 -27.31 20.59 1.55
CA GLU B 402 -26.99 21.84 2.23
C GLU B 402 -28.07 22.90 2.05
N GLU B 403 -29.27 22.46 1.65
CA GLU B 403 -30.40 23.31 1.29
C GLU B 403 -30.15 24.04 -0.03
N THR B 404 -31.23 24.35 -0.76
CA THR B 404 -31.09 24.80 -2.13
C THR B 404 -31.95 26.03 -2.41
N PRO B 405 -31.40 26.99 -3.18
CA PRO B 405 -32.19 28.14 -3.58
C PRO B 405 -33.02 27.83 -4.82
N VAL B 406 -34.17 28.46 -4.91
CA VAL B 406 -35.09 28.26 -6.02
C VAL B 406 -34.97 29.44 -6.97
N SER B 407 -34.87 29.16 -8.26
CA SER B 407 -34.76 30.24 -9.24
C SER B 407 -35.77 30.06 -10.36
N ILE B 408 -35.43 30.60 -11.53
CA ILE B 408 -36.22 30.43 -12.74
C ILE B 408 -35.25 30.16 -13.88
N TYR B 409 -35.75 29.44 -14.88
CA TYR B 409 -35.02 29.19 -16.10
C TYR B 409 -36.04 29.06 -17.22
N GLU B 410 -35.54 29.20 -18.44
CA GLU B 410 -36.39 29.05 -19.61
C GLU B 410 -37.09 27.70 -19.55
N CYS B 411 -38.40 27.71 -19.78
CA CYS B 411 -39.16 26.47 -19.77
C CYS B 411 -38.68 25.50 -20.85
N HIS B 412 -38.36 24.27 -20.47
CA HIS B 412 -37.97 23.25 -21.43
C HIS B 412 -38.96 22.09 -21.51
N GLY B 413 -39.97 22.03 -20.66
CA GLY B 413 -40.96 20.98 -20.79
C GLY B 413 -40.45 19.56 -20.58
N GLN B 414 -39.30 19.40 -19.91
CA GLN B 414 -38.72 18.08 -19.72
C GLN B 414 -38.88 17.56 -18.30
N GLY B 415 -39.67 18.26 -17.47
CA GLY B 415 -39.82 17.84 -16.09
C GLY B 415 -38.58 18.18 -15.29
N GLY B 416 -38.03 17.19 -14.58
CA GLY B 416 -36.83 17.36 -13.77
C GLY B 416 -36.82 18.57 -12.85
N ASN B 417 -35.88 19.48 -13.08
CA ASN B 417 -35.75 20.65 -12.21
C ASN B 417 -36.92 21.63 -12.35
N GLN B 418 -37.80 21.45 -13.33
CA GLN B 418 -38.95 22.32 -13.48
C GLN B 418 -40.27 21.61 -13.12
N TYR B 419 -40.19 20.48 -12.41
CA TYR B 419 -41.38 19.72 -12.01
C TYR B 419 -41.79 20.08 -10.60
N TRP B 420 -43.06 20.40 -10.41
CA TRP B 420 -43.60 20.80 -9.12
C TRP B 420 -45.00 20.23 -8.94
N MET B 421 -45.43 20.16 -7.67
CA MET B 421 -46.80 19.83 -7.30
C MET B 421 -47.34 20.90 -6.35
N LEU B 422 -48.55 21.37 -6.62
CA LEU B 422 -49.29 22.20 -5.67
C LEU B 422 -50.21 21.26 -4.91
N SER B 423 -50.01 21.16 -3.60
CA SER B 423 -50.79 20.21 -2.83
C SER B 423 -52.04 20.87 -2.25
N LYS B 424 -53.00 20.02 -1.84
CA LYS B 424 -54.21 20.52 -1.21
C LYS B 424 -53.90 21.39 0.00
N ALA B 425 -52.87 21.02 0.75
CA ALA B 425 -52.44 21.77 1.92
C ALA B 425 -51.69 23.08 1.55
N GLY B 426 -51.60 23.48 0.29
CA GLY B 426 -50.92 24.72 -0.06
C GLY B 426 -49.41 24.60 -0.14
N GLU B 427 -48.88 23.40 -0.29
CA GLU B 427 -47.44 23.23 -0.48
C GLU B 427 -47.14 23.31 -1.97
N ILE B 428 -46.02 23.95 -2.30
CA ILE B 428 -45.43 23.83 -3.64
C ILE B 428 -44.20 22.95 -3.44
N ARG B 429 -44.26 21.72 -3.91
CA ARG B 429 -43.30 20.72 -3.45
C ARG B 429 -42.82 19.87 -4.62
N ARG B 430 -41.67 19.24 -4.40
CA ARG B 430 -41.20 18.14 -5.22
C ARG B 430 -40.73 17.09 -4.24
N ASP B 431 -41.34 15.91 -4.31
CA ASP B 431 -41.11 14.87 -3.33
C ASP B 431 -41.34 15.44 -1.93
N ASP B 432 -40.31 15.40 -1.08
CA ASP B 432 -40.43 15.83 0.31
C ASP B 432 -39.84 17.21 0.53
N SER B 433 -39.60 17.97 -0.53
CA SER B 433 -39.05 19.32 -0.44
C SER B 433 -40.13 20.33 -0.77
N CYS B 434 -40.22 21.39 0.03
CA CYS B 434 -41.29 22.37 -0.11
C CYS B 434 -40.71 23.75 -0.37
N LEU B 435 -41.35 24.51 -1.25
CA LEU B 435 -41.03 25.92 -1.40
C LEU B 435 -41.25 26.62 -0.08
N ASP B 436 -40.26 27.38 0.37
CA ASP B 436 -40.28 27.97 1.71
C ASP B 436 -39.87 29.43 1.58
N TYR B 437 -40.60 30.32 2.24
CA TYR B 437 -40.25 31.73 2.22
C TYR B 437 -40.39 32.30 3.62
N ALA B 438 -39.32 32.91 4.13
CA ALA B 438 -39.32 33.50 5.46
C ALA B 438 -38.92 34.97 5.45
N GLY B 439 -39.00 35.63 4.29
CA GLY B 439 -38.72 37.04 4.19
C GLY B 439 -37.43 37.42 3.47
N LYS B 440 -36.54 36.45 3.21
CA LYS B 440 -35.31 36.74 2.50
C LYS B 440 -35.39 36.10 1.13
N ASP B 441 -34.93 34.87 0.94
CA ASP B 441 -34.99 34.21 -0.34
C ASP B 441 -35.97 33.04 -0.31
N VAL B 442 -36.52 32.71 -1.48
CA VAL B 442 -37.33 31.52 -1.61
C VAL B 442 -36.40 30.32 -1.74
N THR B 443 -36.54 29.35 -0.85
CA THR B 443 -35.67 28.20 -0.81
C THR B 443 -36.50 26.91 -0.77
N LEU B 444 -35.79 25.80 -0.79
CA LEU B 444 -36.39 24.48 -0.74
C LEU B 444 -36.07 23.89 0.63
N PHE B 445 -37.09 23.47 1.36
CA PHE B 445 -36.93 22.99 2.71
C PHE B 445 -37.81 21.78 2.93
N GLY B 446 -37.43 20.96 3.91
CA GLY B 446 -38.19 19.77 4.21
C GLY B 446 -39.64 20.11 4.48
N CYS B 447 -40.57 19.44 3.80
CA CYS B 447 -41.97 19.66 4.09
C CYS B 447 -42.23 19.26 5.53
N HIS B 448 -42.76 20.19 6.34
CA HIS B 448 -43.05 19.89 7.73
C HIS B 448 -44.54 19.75 8.01
N GLY B 449 -45.39 20.02 7.03
CA GLY B 449 -46.81 19.88 7.24
C GLY B 449 -47.41 20.88 8.21
N GLY B 450 -46.70 21.97 8.50
CA GLY B 450 -47.18 23.01 9.39
C GLY B 450 -47.65 24.28 8.72
N LYS B 451 -47.86 24.27 7.40
CA LYS B 451 -48.23 25.45 6.62
C LYS B 451 -47.23 26.58 6.87
N GLY B 452 -47.72 27.71 7.37
CA GLY B 452 -46.82 28.80 7.74
C GLY B 452 -46.01 29.29 6.57
N ASN B 453 -44.68 29.28 6.72
CA ASN B 453 -43.81 29.74 5.65
C ASN B 453 -43.87 28.86 4.41
N GLN B 454 -44.48 27.68 4.50
CA GLN B 454 -44.62 26.77 3.37
C GLN B 454 -46.04 26.74 2.82
N PHE B 455 -46.85 27.75 3.12
CA PHE B 455 -48.24 27.78 2.67
C PHE B 455 -48.41 28.77 1.53
N TRP B 456 -48.93 28.29 0.41
CA TRP B 456 -49.16 29.11 -0.77
C TRP B 456 -50.60 28.91 -1.24
N THR B 457 -51.16 29.93 -1.86
CA THR B 457 -52.46 29.85 -2.51
C THR B 457 -52.34 30.34 -3.94
N TYR B 458 -53.07 29.69 -4.84
CA TYR B 458 -53.17 30.09 -6.24
C TYR B 458 -54.48 30.82 -6.48
N ARG B 459 -54.38 32.08 -6.89
CA ARG B 459 -55.55 32.92 -7.16
C ARG B 459 -55.88 32.80 -8.64
N GLU B 460 -56.92 32.02 -8.96
CA GLU B 460 -57.16 31.66 -10.35
C GLU B 460 -57.33 32.88 -11.23
N ASN B 461 -58.07 33.88 -10.77
CA ASN B 461 -58.46 34.95 -11.68
C ASN B 461 -57.29 35.83 -12.09
N THR B 462 -56.25 35.89 -11.28
CA THR B 462 -55.09 36.69 -11.61
C THR B 462 -53.85 35.85 -11.86
N LYS B 463 -53.96 34.53 -11.69
CA LYS B 463 -52.83 33.62 -11.92
C LYS B 463 -51.68 33.86 -10.95
N GLN B 464 -51.97 34.45 -9.78
CA GLN B 464 -50.94 34.76 -8.79
C GLN B 464 -50.75 33.63 -7.79
N LEU B 465 -49.50 33.44 -7.38
CA LEU B 465 -49.12 32.51 -6.33
C LEU B 465 -48.86 33.33 -5.07
N HIS B 466 -49.75 33.23 -4.08
CA HIS B 466 -49.72 34.06 -2.89
C HIS B 466 -49.19 33.29 -1.68
N HIS B 467 -48.32 33.94 -0.90
CA HIS B 467 -47.64 33.32 0.24
C HIS B 467 -48.32 33.74 1.53
N GLY B 468 -48.70 32.76 2.34
CA GLY B 468 -49.53 33.02 3.50
C GLY B 468 -48.98 34.01 4.51
N THR B 469 -47.81 33.72 5.07
CA THR B 469 -47.28 34.53 6.17
C THR B 469 -46.66 35.84 5.71
N SER B 470 -46.13 35.90 4.49
CA SER B 470 -45.54 37.17 4.06
C SER B 470 -46.56 38.11 3.44
N GLY B 471 -47.65 37.57 2.89
CA GLY B 471 -48.61 38.37 2.16
C GLY B 471 -48.16 38.83 0.79
N LYS B 472 -47.01 38.38 0.31
CA LYS B 472 -46.49 38.78 -0.98
C LYS B 472 -46.74 37.71 -2.03
N CYS B 473 -46.42 38.05 -3.28
CA CYS B 473 -46.69 37.20 -4.43
C CYS B 473 -45.38 36.81 -5.10
N LEU B 474 -45.35 35.56 -5.56
CA LEU B 474 -44.19 35.03 -6.26
C LEU B 474 -44.12 35.69 -7.65
N ALA B 475 -42.92 36.14 -8.03
CA ALA B 475 -42.80 36.91 -9.26
C ALA B 475 -41.42 36.68 -9.86
N ILE B 476 -41.28 37.06 -11.14
CA ILE B 476 -39.97 37.08 -11.77
C ILE B 476 -39.53 38.54 -11.87
N SER B 477 -38.24 38.79 -11.67
CA SER B 477 -37.69 40.15 -11.72
C SER B 477 -37.84 40.78 -13.11
N GLU B 478 -37.72 42.12 -13.13
CA GLU B 478 -37.83 42.89 -14.36
C GLU B 478 -36.74 42.54 -15.36
N SER B 479 -35.63 41.97 -14.90
CA SER B 479 -34.59 41.47 -15.78
C SER B 479 -34.84 40.03 -16.21
N LYS B 480 -35.99 39.45 -15.83
CA LYS B 480 -36.49 38.16 -16.30
C LYS B 480 -35.58 36.99 -15.91
N ASP B 481 -34.69 37.16 -14.92
CA ASP B 481 -33.71 36.13 -14.62
C ASP B 481 -33.67 35.73 -13.14
N LYS B 482 -34.50 36.31 -12.29
CA LYS B 482 -34.44 36.02 -10.88
C LYS B 482 -35.84 35.85 -10.32
N LEU B 483 -35.94 34.95 -9.35
CA LEU B 483 -37.19 34.72 -8.64
C LEU B 483 -37.24 35.65 -7.44
N LEU B 484 -38.37 36.32 -7.22
CA LEU B 484 -38.48 37.07 -5.97
C LEU B 484 -39.92 37.05 -5.48
N MET B 485 -40.07 37.59 -4.27
CA MET B 485 -41.35 37.80 -3.62
C MET B 485 -41.58 39.30 -3.57
N GLU B 486 -42.72 39.76 -4.07
CA GLU B 486 -42.98 41.18 -4.07
C GLU B 486 -44.45 41.43 -3.76
N GLU B 487 -44.77 42.71 -3.50
CA GLU B 487 -46.15 43.07 -3.21
C GLU B 487 -47.04 42.68 -4.37
N CYS B 488 -48.16 42.04 -4.05
CA CYS B 488 -49.04 41.55 -5.09
C CYS B 488 -49.57 42.71 -5.92
N SER B 489 -49.72 42.47 -7.22
CA SER B 489 -50.30 43.45 -8.13
C SER B 489 -50.95 42.69 -9.26
N ALA B 490 -52.27 42.87 -9.43
CA ALA B 490 -53.06 42.09 -10.38
C ALA B 490 -52.76 42.38 -11.84
N SER B 491 -51.99 43.42 -12.15
CA SER B 491 -51.73 43.76 -13.55
C SER B 491 -50.38 43.28 -14.06
N LEU B 492 -49.50 42.82 -13.19
CA LEU B 492 -48.14 42.47 -13.56
C LEU B 492 -48.07 41.11 -14.25
N SER B 493 -47.76 41.10 -15.55
CA SER B 493 -47.54 39.84 -16.24
C SER B 493 -46.42 39.03 -15.58
N ARG B 494 -45.51 39.70 -14.87
CA ARG B 494 -44.44 39.03 -14.13
C ARG B 494 -44.93 38.29 -12.88
N GLN B 495 -46.21 38.41 -12.51
CA GLN B 495 -46.75 37.70 -11.35
C GLN B 495 -47.75 36.63 -11.73
N GLN B 496 -47.89 36.33 -13.02
CA GLN B 496 -48.87 35.35 -13.50
C GLN B 496 -48.20 34.01 -13.73
N TRP B 497 -48.70 32.98 -13.07
CA TRP B 497 -48.19 31.62 -13.23
C TRP B 497 -49.33 30.75 -13.75
N THR B 498 -48.97 29.83 -14.64
CA THR B 498 -49.88 28.82 -15.17
C THR B 498 -49.37 27.48 -14.68
N LEU B 499 -50.27 26.65 -14.15
CA LEU B 499 -49.89 25.42 -13.49
C LEU B 499 -50.38 24.24 -14.30
N GLU B 500 -49.47 23.35 -14.67
CA GLU B 500 -49.86 22.15 -15.39
C GLU B 500 -50.84 21.31 -14.59
N ASN B 501 -51.84 20.76 -15.30
CA ASN B 501 -52.81 19.81 -14.73
C ASN B 501 -53.62 20.40 -13.59
N TYR B 502 -53.90 21.71 -13.63
CA TYR B 502 -54.62 22.32 -12.53
C TYR B 502 -56.03 21.70 -12.44
N ASP B 503 -56.40 21.27 -11.24
CA ASP B 503 -57.64 20.52 -11.06
C ASP B 503 -58.35 21.04 -9.83
N SER B 504 -59.43 21.79 -10.04
CA SER B 504 -60.17 22.41 -8.93
C SER B 504 -60.67 21.36 -7.96
N SER B 505 -61.09 20.21 -8.47
CA SER B 505 -61.68 19.17 -7.63
C SER B 505 -60.73 18.68 -6.54
N LYS B 506 -59.42 18.91 -6.70
CA LYS B 506 -58.43 18.48 -5.73
C LYS B 506 -58.22 19.48 -4.60
N LEU B 507 -58.83 20.68 -4.69
CA LEU B 507 -58.74 21.72 -3.67
C LEU B 507 -59.48 21.32 -2.40
C1 NAG C . 37.80 -22.46 18.27
C2 NAG C . 38.87 -23.33 18.92
C3 NAG C . 39.97 -22.46 19.52
C4 NAG C . 40.50 -21.48 18.49
C5 NAG C . 39.34 -20.68 17.86
C6 NAG C . 39.79 -19.80 16.72
C7 NAG C . 38.18 -25.51 19.83
C8 NAG C . 37.56 -26.22 21.00
N2 NAG C . 38.29 -24.18 19.95
O3 NAG C . 41.03 -23.28 19.99
O4 NAG C . 41.41 -20.58 19.10
O5 NAG C . 38.40 -21.60 17.30
O6 NAG C . 40.20 -20.59 15.62
O7 NAG C . 38.58 -26.12 18.84
C1 EDO D . 42.12 -9.70 -3.92
O1 EDO D . 41.47 -9.46 -2.68
C2 EDO D . 43.18 -8.64 -4.10
O2 EDO D . 42.59 -7.35 -3.95
C1 EDO E . 20.53 -32.17 12.64
O1 EDO E . 21.17 -31.94 11.37
C2 EDO E . 20.14 -30.85 13.29
O2 EDO E . 18.83 -30.41 12.85
C1 GOL F . 27.31 -12.84 -3.09
O1 GOL F . 27.57 -13.93 -2.21
C2 GOL F . 28.43 -12.70 -4.13
O2 GOL F . 28.79 -13.94 -4.71
C3 GOL F . 28.00 -11.76 -5.24
O3 GOL F . 29.03 -11.77 -6.20
C1 GOL G . 22.18 -2.31 0.53
O1 GOL G . 21.99 -0.92 0.42
C2 GOL G . 20.85 -2.96 0.96
O2 GOL G . 20.16 -3.36 -0.19
C3 GOL G . 21.11 -4.14 1.90
O3 GOL G . 20.16 -5.15 1.65
C1 GOL H . 25.24 -22.73 22.13
O1 GOL H . 25.91 -22.31 23.29
C2 GOL H . 26.13 -22.58 20.91
O2 GOL H . 26.46 -21.21 20.67
C3 GOL H . 27.36 -23.47 21.08
O3 GOL H . 28.21 -23.46 19.94
C1 PGE I . -5.97 -17.60 12.46
O1 PGE I . -6.56 -18.49 11.51
C2 PGE I . -4.94 -16.74 11.74
O2 PGE I . -3.64 -17.30 11.87
C3 PGE I . -3.23 -18.09 10.76
C4 PGE I . -1.73 -18.02 10.61
O4 PGE I . 1.54 -19.69 13.54
C6 PGE I . 0.61 -20.09 12.53
C5 PGE I . -0.44 -18.99 12.34
O3 PGE I . -1.13 -19.20 11.12
C1 GOL J . 59.29 11.63 -9.35
O1 GOL J . 58.67 11.49 -10.61
C2 GOL J . 60.77 11.95 -9.49
O2 GOL J . 60.98 13.30 -9.17
C3 GOL J . 61.59 11.09 -8.53
O3 GOL J . 62.67 10.49 -9.21
C1 GOL K . -3.18 -12.47 11.42
O1 GOL K . -2.84 -13.00 12.69
C2 GOL K . -3.31 -13.57 10.36
O2 GOL K . -4.55 -13.38 9.72
C3 GOL K . -2.14 -13.51 9.38
O3 GOL K . -1.96 -14.73 8.69
C1 NAG L . -45.25 -15.53 6.58
C2 NAG L . -46.61 -16.15 6.91
C3 NAG L . -47.52 -16.14 5.67
C4 NAG L . -47.58 -14.74 5.06
C5 NAG L . -46.19 -14.15 4.85
C6 NAG L . -46.24 -12.70 4.46
C7 NAG L . -46.69 -17.83 8.69
C8 NAG L . -47.05 -16.71 9.61
N2 NAG L . -46.48 -17.50 7.41
O3 NAG L . -48.83 -16.55 6.04
O4 NAG L . -48.26 -14.79 3.81
O5 NAG L . -45.43 -14.22 6.07
O6 NAG L . -46.67 -11.91 5.56
O7 NAG L . -46.57 -18.98 9.09
C1 EDO M . -30.71 -12.85 23.22
O1 EDO M . -30.95 -11.56 23.79
C2 EDO M . -32.04 -13.54 22.89
O2 EDO M . -31.79 -14.85 22.34
C1 GOL N . -21.89 2.08 -0.89
O1 GOL N . -21.61 0.92 -0.16
C2 GOL N . -22.34 1.71 -2.28
O2 GOL N . -21.26 1.03 -2.89
C3 GOL N . -22.60 3.05 -2.95
O3 GOL N . -21.61 3.95 -2.47
C1 GOL O . -50.67 12.81 -15.22
O1 GOL O . -49.93 12.32 -14.13
C2 GOL O . -49.70 13.08 -16.37
O2 GOL O . -49.22 11.85 -16.88
C3 GOL O . -50.41 13.87 -17.45
O3 GOL O . -50.00 15.22 -17.41
C1 GOL P . -34.40 -22.09 7.21
O1 GOL P . -34.14 -22.76 6.00
C2 GOL P . -34.74 -20.63 6.95
O2 GOL P . -34.31 -20.24 5.66
C3 GOL P . -36.24 -20.40 7.05
O3 GOL P . -36.54 -19.81 8.30
C1 EDO Q . -55.28 20.37 3.80
O1 EDO Q . -56.19 21.43 3.55
C2 EDO Q . -54.47 20.64 5.07
O2 EDO Q . -55.29 20.53 6.25
C1 EDO R . -36.26 4.25 22.97
O1 EDO R . -36.64 3.27 23.95
C2 EDO R . -37.45 5.14 22.64
O2 EDO R . -37.14 5.93 21.49
C1 EDO S . -29.95 5.27 8.58
O1 EDO S . -29.22 4.54 7.58
C2 EDO S . -30.92 6.22 7.88
O2 EDO S . -30.65 7.56 8.29
C1 EDO T . -35.11 -8.87 15.59
O1 EDO T . -35.26 -10.29 15.48
C2 EDO T . -35.36 -8.45 17.02
O2 EDO T . -34.84 -7.17 17.33
#